data_3I4Z
#
_entry.id   3I4Z
#
_cell.length_a   80.060
_cell.length_b   98.790
_cell.length_c   125.630
_cell.angle_alpha   90.000
_cell.angle_beta   90.000
_cell.angle_gamma   90.000
#
_symmetry.space_group_name_H-M   'P 21 21 21'
#
loop_
_entity.id
_entity.type
_entity.pdbx_description
1 polymer 'Tryptophan dimethylallyltransferase'
2 non-polymer 1,3-BUTANEDIOL
3 non-polymer GLYCEROL
4 water water
#
_entity_poly.entity_id   1
_entity_poly.type   'polypeptide(L)'
_entity_poly.pdbx_seq_one_letter_code
;GSHGGSMKAANASSAEAYRVLSRAFRFDNEDQKLWWHSTAPMFAKMLETANYTTPCQYQYLITYKECVIPSLGCYPTNSA
PRWLSILTRYGTPFELSLNCSNSIVRYTFEPINQHTGTDKDPFNTHAIWESLQHLLPLEKSIDLEWFRHFKHDLTLNSEE
SAFLAHNDRLVGGTIRTQNKLALDLKDGRFALKTYIYPALKAVVTGKTIHELVFGSVRRLAVREPRILPPLNMLEEYIRS
RGSKSTASPRLVSCDLTSPAKSRIKIYLLEQMVSLEAMEDLWTLGGRRRDASTLEGLSLVRELWDLIQLSPGLKSYPAPY
LPLGVIPDERLPLMANFTLHQNDPVPEPQVYFTTFGMNDMAVADALTTFFERRGWSEMARTYETTLKSYYPHADHDKLNY
LHAYISFSYRDRTPYLSVYLQSFETGDWAVANLSESKVKCQDAACQPTALPPDLSKTGVYYSGLH
;
_entity_poly.pdbx_strand_id   A,B
#
# COMPACT_ATOMS: atom_id res chain seq x y z
N MET A 7 -11.75 -36.76 12.21
CA MET A 7 -10.81 -37.40 13.17
C MET A 7 -9.74 -36.40 13.59
N LYS A 8 -9.07 -36.69 14.70
CA LYS A 8 -7.88 -35.95 15.11
C LYS A 8 -6.91 -35.90 13.93
N ALA A 9 -6.34 -34.73 13.71
CA ALA A 9 -5.50 -34.46 12.55
C ALA A 9 -4.06 -34.23 13.00
N ALA A 10 -3.13 -34.35 12.05
CA ALA A 10 -1.71 -34.07 12.31
C ALA A 10 -1.48 -32.64 12.86
N ASN A 11 -0.54 -32.56 13.80
CA ASN A 11 -0.18 -31.29 14.47
C ASN A 11 1.32 -31.17 14.49
N ALA A 12 1.90 -30.11 13.88
CA ALA A 12 3.34 -30.00 13.84
C ALA A 12 3.98 -29.89 15.24
N SER A 13 3.21 -29.48 16.25
CA SER A 13 3.74 -29.42 17.63
C SER A 13 4.07 -30.82 18.20
N SER A 14 3.63 -31.86 17.50
CA SER A 14 3.98 -33.24 17.88
C SER A 14 5.34 -33.72 17.33
N ALA A 15 5.97 -32.93 16.45
CA ALA A 15 7.21 -33.37 15.80
C ALA A 15 8.25 -33.66 16.87
N GLU A 16 8.82 -34.86 16.82
CA GLU A 16 9.66 -35.35 17.94
C GLU A 16 10.90 -34.48 18.18
N ALA A 17 11.56 -34.05 17.10
CA ALA A 17 12.79 -33.24 17.27
C ALA A 17 12.46 -31.94 17.96
N TYR A 18 11.32 -31.34 17.62
CA TYR A 18 10.83 -30.14 18.32
C TYR A 18 10.64 -30.39 19.82
N ARG A 19 9.96 -31.49 20.14
CA ARG A 19 9.71 -31.78 21.55
C ARG A 19 10.99 -32.11 22.35
N VAL A 20 11.87 -32.89 21.74
CA VAL A 20 13.11 -33.27 22.43
C VAL A 20 14.01 -32.05 22.68
N LEU A 21 14.21 -31.26 21.64
CA LEU A 21 15.06 -30.10 21.78
C LEU A 21 14.47 -29.10 22.76
N SER A 22 13.13 -29.01 22.82
CA SER A 22 12.50 -28.14 23.82
C SER A 22 12.81 -28.55 25.24
N ARG A 23 13.02 -29.85 25.47
CA ARG A 23 13.40 -30.38 26.76
C ARG A 23 14.84 -30.11 27.12
N ALA A 24 15.67 -29.87 26.09
CA ALA A 24 17.11 -29.76 26.30
C ALA A 24 17.61 -28.31 26.38
N PHE A 25 16.94 -27.38 25.69
CA PHE A 25 17.53 -26.04 25.45
C PHE A 25 17.49 -25.11 26.63
N ARG A 26 18.58 -24.35 26.78
CA ARG A 26 18.61 -23.19 27.69
C ARG A 26 18.11 -21.97 26.91
N PHE A 27 17.19 -21.20 27.52
CA PHE A 27 16.82 -19.90 26.96
C PHE A 27 17.03 -18.93 28.10
N ASP A 28 17.83 -17.91 27.85
CA ASP A 28 18.08 -16.92 28.89
C ASP A 28 17.20 -15.70 28.67
N ASN A 29 16.36 -15.74 27.66
CA ASN A 29 15.69 -14.56 27.22
C ASN A 29 14.30 -15.05 26.80
N GLU A 30 13.25 -14.36 27.22
CA GLU A 30 11.88 -14.78 26.86
C GLU A 30 11.56 -14.63 25.37
N ASP A 31 12.09 -13.59 24.73
CA ASP A 31 11.87 -13.43 23.29
C ASP A 31 12.39 -14.63 22.49
N GLN A 32 13.55 -15.16 22.85
CA GLN A 32 14.12 -16.28 22.09
C GLN A 32 13.30 -17.55 22.31
N LYS A 33 12.83 -17.73 23.54
CA LYS A 33 11.98 -18.88 23.86
C LYS A 33 10.66 -18.85 23.07
N LEU A 34 10.05 -17.67 23.01
CA LEU A 34 8.82 -17.49 22.21
C LEU A 34 9.10 -17.75 20.73
N TRP A 35 10.20 -17.20 20.20
CA TRP A 35 10.52 -17.42 18.77
C TRP A 35 10.67 -18.88 18.50
N TRP A 36 11.36 -19.58 19.39
CA TRP A 36 11.52 -21.04 19.23
C TRP A 36 10.16 -21.76 19.17
N HIS A 37 9.29 -21.51 20.15
CA HIS A 37 8.03 -22.26 20.18
C HIS A 37 7.09 -21.83 19.05
N SER A 38 7.24 -20.59 18.60
CA SER A 38 6.42 -20.07 17.51
C SER A 38 6.75 -20.70 16.14
N THR A 39 8.03 -20.95 15.87
CA THR A 39 8.50 -21.33 14.55
C THR A 39 8.96 -22.75 14.46
N ALA A 40 9.49 -23.30 15.56
CA ALA A 40 10.08 -24.68 15.50
C ALA A 40 9.11 -25.85 15.18
N PRO A 41 7.83 -25.78 15.58
CA PRO A 41 6.95 -26.90 15.25
C PRO A 41 6.89 -27.10 13.70
N MET A 42 6.63 -26.02 12.99
CA MET A 42 6.60 -26.05 11.54
C MET A 42 7.96 -26.44 10.93
N PHE A 43 9.02 -25.85 11.44
CA PHE A 43 10.36 -26.13 10.90
C PHE A 43 10.65 -27.64 11.09
N ALA A 44 10.44 -28.17 12.29
CA ALA A 44 10.74 -29.60 12.55
C ALA A 44 9.87 -30.48 11.65
N LYS A 45 8.58 -30.14 11.58
CA LYS A 45 7.67 -30.93 10.75
C LYS A 45 8.04 -30.88 9.26
N MET A 46 8.44 -29.69 8.78
CA MET A 46 8.90 -29.55 7.42
C MET A 46 10.14 -30.42 7.16
N LEU A 47 11.13 -30.37 8.06
CA LEU A 47 12.32 -31.26 7.90
C LEU A 47 11.95 -32.73 7.89
N GLU A 48 11.07 -33.12 8.80
CA GLU A 48 10.64 -34.54 8.87
C GLU A 48 10.01 -34.95 7.55
N THR A 49 9.09 -34.14 7.06
CA THR A 49 8.32 -34.52 5.87
CA THR A 49 8.31 -34.51 5.88
C THR A 49 9.17 -34.50 4.60
N ALA A 50 10.23 -33.70 4.60
CA ALA A 50 11.19 -33.61 3.48
C ALA A 50 12.26 -34.73 3.55
N ASN A 51 12.05 -35.68 4.48
CA ASN A 51 12.89 -36.87 4.64
CA ASN A 51 12.89 -36.88 4.60
C ASN A 51 14.30 -36.57 5.11
N TYR A 52 14.47 -35.49 5.87
CA TYR A 52 15.76 -35.28 6.56
C TYR A 52 15.91 -36.36 7.64
N THR A 53 17.12 -36.88 7.80
CA THR A 53 17.40 -37.88 8.83
C THR A 53 17.24 -37.24 10.21
N THR A 54 17.06 -38.06 11.23
CA THR A 54 16.89 -37.53 12.58
C THR A 54 18.11 -36.71 13.04
N PRO A 55 19.33 -37.19 12.75
CA PRO A 55 20.49 -36.36 13.16
C PRO A 55 20.52 -35.00 12.42
N CYS A 56 20.14 -34.97 11.14
CA CYS A 56 20.06 -33.71 10.40
C CYS A 56 19.00 -32.78 10.95
N GLN A 57 17.85 -33.34 11.33
CA GLN A 57 16.80 -32.54 11.93
C GLN A 57 17.36 -31.84 13.18
N TYR A 58 17.99 -32.60 14.06
N TYR A 58 17.99 -32.60 14.07
CA TYR A 58 18.59 -31.99 15.27
CA TYR A 58 18.56 -32.00 15.28
C TYR A 58 19.61 -30.92 14.90
C TYR A 58 19.63 -30.94 14.93
N GLN A 59 20.52 -31.29 13.99
CA GLN A 59 21.62 -30.37 13.61
C GLN A 59 21.09 -29.00 13.15
N TYR A 60 20.16 -29.04 12.20
CA TYR A 60 19.69 -27.78 11.62
C TYR A 60 18.87 -26.98 12.61
N LEU A 61 18.06 -27.66 13.42
CA LEU A 61 17.26 -26.91 14.44
C LEU A 61 18.14 -26.29 15.50
N ILE A 62 19.23 -26.98 15.84
CA ILE A 62 20.15 -26.44 16.89
C ILE A 62 20.87 -25.21 16.36
N THR A 63 21.39 -25.33 15.14
CA THR A 63 22.06 -24.13 14.55
C THR A 63 21.09 -22.96 14.47
N TYR A 64 19.86 -23.24 14.03
CA TYR A 64 18.80 -22.19 14.02
C TYR A 64 18.61 -21.59 15.40
N LYS A 65 18.41 -22.44 16.42
CA LYS A 65 18.16 -21.89 17.76
C LYS A 65 19.36 -21.10 18.28
N GLU A 66 20.56 -21.64 18.12
CA GLU A 66 21.73 -21.02 18.73
C GLU A 66 22.26 -19.83 17.95
N CYS A 67 22.20 -19.92 16.61
CA CYS A 67 22.87 -18.86 15.78
C CYS A 67 21.91 -17.84 15.21
N VAL A 68 20.67 -18.24 14.99
CA VAL A 68 19.69 -17.41 14.26
C VAL A 68 18.63 -16.77 15.14
N ILE A 69 17.99 -17.55 16.00
CA ILE A 69 16.95 -16.99 16.87
C ILE A 69 17.44 -15.76 17.65
N PRO A 70 18.68 -15.78 18.16
CA PRO A 70 19.06 -14.57 18.93
C PRO A 70 19.21 -13.34 18.06
N SER A 71 19.18 -13.50 16.75
CA SER A 71 19.28 -12.40 15.77
C SER A 71 17.91 -12.06 15.18
N LEU A 72 16.83 -12.57 15.77
CA LEU A 72 15.48 -12.27 15.25
C LEU A 72 14.76 -11.11 15.94
N GLY A 73 15.42 -10.49 16.92
CA GLY A 73 14.83 -9.40 17.67
C GLY A 73 13.79 -9.85 18.66
N CYS A 74 13.12 -8.86 19.24
CA CYS A 74 12.00 -9.09 20.18
CA CYS A 74 12.06 -9.17 20.19
C CYS A 74 10.93 -9.95 19.54
N TYR A 75 10.17 -10.68 20.35
CA TYR A 75 9.10 -11.49 19.75
C TYR A 75 7.99 -10.54 19.20
N PRO A 76 7.59 -10.71 17.93
CA PRO A 76 6.73 -9.69 17.29
C PRO A 76 5.30 -9.72 17.84
N THR A 77 4.81 -8.56 18.27
CA THR A 77 3.40 -8.34 18.66
C THR A 77 2.98 -6.96 18.12
N ASN A 78 1.69 -6.66 18.16
CA ASN A 78 1.21 -5.36 17.73
C ASN A 78 1.32 -4.35 18.87
N SER A 79 1.61 -4.84 20.07
CA SER A 79 1.54 -3.99 21.26
C SER A 79 2.86 -3.39 21.76
N ALA A 80 3.98 -3.74 21.13
CA ALA A 80 5.28 -3.13 21.48
C ALA A 80 6.06 -2.83 20.20
N PRO A 81 6.97 -1.82 20.22
CA PRO A 81 7.76 -1.58 18.99
C PRO A 81 8.59 -2.78 18.52
N ARG A 82 8.66 -2.97 17.22
CA ARG A 82 9.47 -4.02 16.63
C ARG A 82 10.01 -3.53 15.30
N TRP A 83 11.05 -4.20 14.83
CA TRP A 83 11.65 -3.87 13.55
C TRP A 83 10.75 -4.50 12.50
N LEU A 84 10.33 -3.69 11.53
CA LEU A 84 9.52 -4.22 10.44
C LEU A 84 10.36 -4.63 9.23
N SER A 85 10.38 -5.93 8.91
CA SER A 85 11.26 -6.49 7.88
C SER A 85 10.54 -6.55 6.53
N ILE A 86 11.28 -6.31 5.45
CA ILE A 86 10.75 -6.54 4.08
C ILE A 86 10.50 -8.01 3.79
N LEU A 87 11.01 -8.90 4.64
CA LEU A 87 10.99 -10.33 4.36
CA LEU A 87 10.98 -10.36 4.34
C LEU A 87 9.56 -10.89 4.19
N THR A 88 8.63 -10.39 5.00
CA THR A 88 7.23 -10.84 4.89
C THR A 88 6.28 -9.65 4.90
N ARG A 89 5.06 -9.89 4.48
CA ARG A 89 4.09 -8.80 4.44
C ARG A 89 3.74 -8.34 5.84
N TYR A 90 3.89 -9.23 6.85
CA TYR A 90 3.62 -8.84 8.24
C TYR A 90 4.82 -8.22 8.93
N GLY A 91 5.91 -8.08 8.18
CA GLY A 91 7.12 -7.44 8.74
C GLY A 91 7.92 -8.36 9.66
N THR A 92 7.57 -9.64 9.74
CA THR A 92 8.35 -10.54 10.60
C THR A 92 9.65 -10.97 9.90
N PRO A 93 10.72 -11.20 10.69
CA PRO A 93 12.04 -11.40 10.07
C PRO A 93 12.46 -12.85 9.80
N PHE A 94 11.50 -13.76 9.60
CA PHE A 94 11.85 -15.17 9.38
C PHE A 94 10.86 -15.81 8.43
N GLU A 95 11.37 -16.63 7.51
CA GLU A 95 10.48 -17.34 6.62
C GLU A 95 11.12 -18.62 6.11
N LEU A 96 10.38 -19.73 6.24
CA LEU A 96 10.76 -20.98 5.62
C LEU A 96 10.31 -21.09 4.15
N SER A 97 11.08 -21.87 3.40
CA SER A 97 10.77 -22.16 2.00
CA SER A 97 10.68 -22.18 2.03
C SER A 97 11.12 -23.61 1.72
N LEU A 98 10.34 -24.27 0.88
CA LEU A 98 10.66 -25.65 0.55
C LEU A 98 10.84 -25.71 -0.95
N ASN A 99 11.99 -26.24 -1.38
CA ASN A 99 12.18 -26.59 -2.79
C ASN A 99 11.49 -27.93 -2.97
N CYS A 100 10.30 -27.89 -3.57
CA CYS A 100 9.48 -29.09 -3.72
C CYS A 100 10.08 -30.10 -4.70
N SER A 101 10.95 -29.66 -5.59
CA SER A 101 11.51 -30.59 -6.59
C SER A 101 12.58 -31.51 -6.01
N ASN A 102 13.38 -30.97 -5.10
CA ASN A 102 14.43 -31.77 -4.49
C ASN A 102 14.32 -31.96 -2.97
N SER A 103 13.18 -31.55 -2.39
CA SER A 103 12.89 -31.65 -0.95
C SER A 103 13.97 -31.03 -0.09
N ILE A 104 14.52 -29.89 -0.51
CA ILE A 104 15.48 -29.13 0.32
C ILE A 104 14.75 -28.02 1.03
N VAL A 105 14.97 -27.96 2.34
CA VAL A 105 14.44 -26.87 3.16
C VAL A 105 15.42 -25.71 3.20
N ARG A 106 14.84 -24.51 3.17
N ARG A 106 14.87 -24.49 3.09
CA ARG A 106 15.61 -23.27 3.21
CA ARG A 106 15.67 -23.28 3.27
C ARG A 106 14.92 -22.34 4.19
C ARG A 106 14.94 -22.35 4.22
N TYR A 107 15.68 -21.42 4.80
CA TYR A 107 15.04 -20.33 5.48
C TYR A 107 15.81 -19.04 5.28
N THR A 108 15.07 -17.95 5.37
CA THR A 108 15.68 -16.62 5.28
CA THR A 108 15.65 -16.63 5.26
C THR A 108 15.32 -15.83 6.52
N PHE A 109 16.24 -14.96 6.93
CA PHE A 109 15.96 -14.12 8.07
C PHE A 109 16.64 -12.78 7.89
N GLU A 110 16.10 -11.79 8.58
CA GLU A 110 16.78 -10.48 8.60
C GLU A 110 17.48 -10.36 9.94
N PRO A 111 18.84 -10.28 9.94
CA PRO A 111 19.49 -10.13 11.23
C PRO A 111 19.12 -8.84 11.96
N ILE A 112 18.82 -8.97 13.25
CA ILE A 112 18.45 -7.82 14.12
C ILE A 112 19.26 -7.96 15.39
N ASN A 113 19.78 -6.85 15.92
CA ASN A 113 20.39 -6.91 17.26
C ASN A 113 19.97 -5.74 18.12
N GLN A 114 20.59 -5.56 19.28
CA GLN A 114 20.14 -4.57 20.23
C GLN A 114 20.21 -3.15 19.68
N HIS A 115 21.07 -2.91 18.69
CA HIS A 115 21.22 -1.55 18.14
C HIS A 115 20.30 -1.26 16.97
N THR A 116 19.68 -2.31 16.44
CA THR A 116 18.77 -2.20 15.30
C THR A 116 17.66 -1.15 15.61
N GLY A 117 17.53 -0.15 14.74
CA GLY A 117 16.46 0.85 14.86
C GLY A 117 16.73 1.90 15.94
N THR A 118 17.90 1.83 16.58
CA THR A 118 18.33 2.91 17.51
C THR A 118 19.19 3.93 16.74
N ASP A 119 19.66 4.99 17.43
CA ASP A 119 20.52 5.94 16.74
CA ASP A 119 20.59 5.97 16.87
C ASP A 119 21.90 5.35 16.39
N LYS A 120 22.21 4.17 16.92
CA LYS A 120 23.47 3.49 16.56
C LYS A 120 23.32 2.74 15.22
N ASP A 121 22.08 2.42 14.87
CA ASP A 121 21.83 1.68 13.60
C ASP A 121 20.37 1.83 13.14
N PRO A 122 19.99 3.04 12.72
CA PRO A 122 18.58 3.32 12.48
C PRO A 122 17.98 2.61 11.28
N PHE A 123 18.81 2.17 10.32
CA PHE A 123 18.32 1.42 9.14
C PHE A 123 18.77 -0.02 9.13
N ASN A 124 19.27 -0.49 10.28
CA ASN A 124 19.67 -1.90 10.42
C ASN A 124 20.71 -2.36 9.37
N THR A 125 21.75 -1.56 9.22
CA THR A 125 22.79 -1.85 8.26
C THR A 125 23.98 -2.62 8.88
N HIS A 126 24.06 -2.70 10.22
CA HIS A 126 25.24 -3.27 10.86
C HIS A 126 25.04 -4.66 11.44
N ALA A 127 23.78 -5.01 11.74
CA ALA A 127 23.51 -6.24 12.48
C ALA A 127 23.92 -7.51 11.76
N ILE A 128 23.89 -7.49 10.43
CA ILE A 128 24.22 -8.68 9.64
C ILE A 128 25.63 -9.20 9.99
N TRP A 129 26.56 -8.30 10.31
CA TRP A 129 27.92 -8.76 10.58
C TRP A 129 27.98 -9.67 11.82
N GLU A 130 27.09 -9.41 12.78
CA GLU A 130 27.10 -10.17 14.03
C GLU A 130 26.52 -11.54 13.74
N SER A 131 25.49 -11.63 12.91
CA SER A 131 24.99 -12.96 12.53
C SER A 131 26.02 -13.78 11.75
N LEU A 132 26.73 -13.10 10.85
CA LEU A 132 27.81 -13.75 10.08
C LEU A 132 28.92 -14.27 11.01
N GLN A 133 29.25 -13.51 12.04
CA GLN A 133 30.25 -13.93 13.03
C GLN A 133 29.90 -15.30 13.61
N HIS A 134 28.62 -15.50 13.91
CA HIS A 134 28.15 -16.75 14.52
C HIS A 134 28.05 -17.93 13.58
N LEU A 135 27.77 -17.67 12.30
CA LEU A 135 27.59 -18.75 11.32
C LEU A 135 28.89 -19.23 10.67
N LEU A 136 29.81 -18.27 10.41
CA LEU A 136 31.07 -18.55 9.73
C LEU A 136 31.85 -19.78 10.25
N PRO A 137 32.00 -19.94 11.58
CA PRO A 137 32.78 -21.08 12.06
C PRO A 137 32.17 -22.45 11.70
N LEU A 138 30.90 -22.46 11.31
CA LEU A 138 30.22 -23.72 11.07
C LEU A 138 30.33 -24.20 9.65
N GLU A 139 30.78 -23.34 8.73
CA GLU A 139 30.85 -23.75 7.32
C GLU A 139 32.06 -23.10 6.68
N LYS A 140 33.13 -23.87 6.55
CA LYS A 140 34.40 -23.28 6.10
C LYS A 140 34.39 -22.83 4.62
N SER A 141 33.42 -23.30 3.84
CA SER A 141 33.27 -22.83 2.46
C SER A 141 32.63 -21.43 2.33
N ILE A 142 32.16 -20.84 3.44
CA ILE A 142 31.63 -19.47 3.35
C ILE A 142 32.74 -18.50 2.95
N ASP A 143 32.45 -17.63 1.98
CA ASP A 143 33.40 -16.63 1.51
C ASP A 143 32.64 -15.31 1.45
N LEU A 144 33.26 -14.23 1.94
CA LEU A 144 32.55 -12.97 2.01
C LEU A 144 33.10 -11.96 1.01
N GLU A 145 33.92 -12.40 0.05
CA GLU A 145 34.51 -11.41 -0.89
C GLU A 145 33.43 -10.59 -1.64
N TRP A 146 32.52 -11.28 -2.32
CA TRP A 146 31.43 -10.59 -3.00
C TRP A 146 30.47 -9.92 -2.03
N PHE A 147 30.19 -10.57 -0.89
CA PHE A 147 29.34 -9.97 0.14
C PHE A 147 29.87 -8.57 0.48
N ARG A 148 31.17 -8.50 0.75
CA ARG A 148 31.77 -7.20 1.18
C ARG A 148 31.60 -6.11 0.14
N HIS A 149 31.80 -6.48 -1.12
CA HIS A 149 31.67 -5.57 -2.26
C HIS A 149 30.22 -5.00 -2.33
N PHE A 150 29.24 -5.89 -2.33
CA PHE A 150 27.85 -5.46 -2.47
C PHE A 150 27.33 -4.74 -1.25
N LYS A 151 27.78 -5.19 -0.08
CA LYS A 151 27.42 -4.48 1.15
CA LYS A 151 27.48 -4.50 1.18
C LYS A 151 27.92 -3.02 1.13
N HIS A 152 29.15 -2.79 0.69
CA HIS A 152 29.71 -1.47 0.62
C HIS A 152 28.97 -0.63 -0.42
N ASP A 153 28.71 -1.21 -1.60
CA ASP A 153 28.16 -0.42 -2.69
C ASP A 153 26.64 -0.18 -2.57
N LEU A 154 25.92 -1.15 -1.97
CA LEU A 154 24.45 -1.18 -2.10
C LEU A 154 23.69 -1.01 -0.81
N THR A 155 24.37 -0.87 0.32
CA THR A 155 23.66 -0.58 1.57
C THR A 155 24.20 0.68 2.21
N LEU A 156 23.39 1.24 3.10
CA LEU A 156 23.80 2.50 3.78
C LEU A 156 25.04 2.30 4.65
N ASN A 157 25.96 3.28 4.58
CA ASN A 157 27.06 3.31 5.50
C ASN A 157 26.65 4.18 6.71
N SER A 158 27.55 4.35 7.66
CA SER A 158 27.19 5.04 8.91
C SER A 158 26.84 6.49 8.68
N GLU A 159 27.60 7.16 7.82
CA GLU A 159 27.32 8.61 7.63
C GLU A 159 26.02 8.84 6.81
N GLU A 160 25.73 8.00 5.82
CA GLU A 160 24.46 8.04 5.11
C GLU A 160 23.31 7.72 6.07
N SER A 161 23.53 6.74 6.95
CA SER A 161 22.51 6.40 7.97
C SER A 161 22.21 7.61 8.86
N ALA A 162 23.25 8.31 9.34
CA ALA A 162 23.01 9.47 10.19
C ALA A 162 22.26 10.57 9.42
N PHE A 163 22.62 10.76 8.15
CA PHE A 163 21.97 11.75 7.31
C PHE A 163 20.51 11.43 7.13
N LEU A 164 20.22 10.17 6.79
CA LEU A 164 18.85 9.82 6.55
C LEU A 164 18.01 9.81 7.81
N ALA A 165 18.63 9.49 8.95
CA ALA A 165 17.90 9.47 10.21
C ALA A 165 17.46 10.88 10.58
N HIS A 166 18.37 11.84 10.43
CA HIS A 166 18.06 13.23 10.72
CA HIS A 166 18.07 13.23 10.72
C HIS A 166 17.06 13.83 9.72
N ASN A 167 16.98 13.24 8.53
CA ASN A 167 16.09 13.70 7.45
C ASN A 167 15.06 12.63 7.11
N ASP A 168 14.56 11.96 8.15
CA ASP A 168 13.73 10.76 7.93
C ASP A 168 12.38 11.04 7.30
N ARG A 169 12.02 12.31 7.18
CA ARG A 169 10.79 12.69 6.49
C ARG A 169 10.90 12.39 5.00
N LEU A 170 12.13 12.20 4.53
CA LEU A 170 12.37 11.78 3.16
C LEU A 170 11.84 10.38 2.93
N VAL A 171 11.88 9.54 3.97
CA VAL A 171 11.50 8.13 3.78
C VAL A 171 10.26 7.64 4.51
N GLY A 172 9.68 8.49 5.36
CA GLY A 172 8.40 8.17 6.01
C GLY A 172 8.28 6.73 6.47
N GLY A 173 7.24 6.06 6.01
CA GLY A 173 6.94 4.69 6.43
C GLY A 173 7.58 3.60 5.62
N THR A 174 8.65 3.93 4.87
CA THR A 174 9.37 2.95 4.03
CA THR A 174 9.27 2.89 4.04
C THR A 174 9.95 1.84 4.91
N ILE A 175 9.79 0.59 4.47
CA ILE A 175 10.43 -0.57 5.13
C ILE A 175 11.95 -0.43 4.93
N ARG A 176 12.70 -0.50 6.02
CA ARG A 176 14.12 -0.03 5.99
C ARG A 176 15.15 -1.14 5.76
N THR A 177 14.69 -2.39 5.66
CA THR A 177 15.64 -3.50 5.55
C THR A 177 16.75 -3.21 4.53
N GLN A 178 18.01 -3.43 4.94
CA GLN A 178 19.19 -3.31 4.02
C GLN A 178 19.57 -4.67 3.46
N ASN A 179 19.44 -5.72 4.27
CA ASN A 179 19.90 -7.03 3.83
C ASN A 179 19.32 -8.17 4.67
N LYS A 180 19.26 -9.33 4.06
CA LYS A 180 18.87 -10.55 4.77
C LYS A 180 19.84 -11.68 4.44
N LEU A 181 19.76 -12.80 5.18
CA LEU A 181 20.57 -13.99 4.90
C LEU A 181 19.66 -15.16 4.68
N ALA A 182 20.08 -16.11 3.85
CA ALA A 182 19.31 -17.31 3.66
C ALA A 182 20.24 -18.49 3.78
N LEU A 183 19.70 -19.62 4.27
CA LEU A 183 20.47 -20.83 4.39
C LEU A 183 19.74 -21.91 3.65
N ASP A 184 20.47 -22.62 2.78
CA ASP A 184 19.92 -23.87 2.17
C ASP A 184 20.51 -25.06 2.93
N LEU A 185 19.64 -25.97 3.37
CA LEU A 185 20.06 -27.06 4.27
C LEU A 185 20.22 -28.37 3.49
N LYS A 186 21.48 -28.78 3.32
CA LYS A 186 21.76 -29.98 2.52
C LYS A 186 23.06 -30.69 2.91
N ASP A 187 22.97 -32.02 3.03
CA ASP A 187 24.14 -32.89 3.13
C ASP A 187 24.92 -32.69 4.44
N GLY A 188 24.21 -32.39 5.53
CA GLY A 188 24.82 -32.05 6.82
C GLY A 188 25.56 -30.75 6.77
N ARG A 189 25.38 -30.01 5.67
CA ARG A 189 26.00 -28.67 5.63
C ARG A 189 24.94 -27.62 5.32
N PHE A 190 25.36 -26.37 5.15
CA PHE A 190 24.43 -25.35 4.64
C PHE A 190 25.14 -24.45 3.66
N ALA A 191 24.37 -23.86 2.76
CA ALA A 191 24.92 -22.85 1.86
C ALA A 191 24.31 -21.52 2.30
N LEU A 192 25.11 -20.45 2.32
CA LEU A 192 24.63 -19.18 2.78
C LEU A 192 24.53 -18.21 1.59
N LYS A 193 23.44 -17.43 1.58
CA LYS A 193 23.17 -16.43 0.52
CA LYS A 193 23.18 -16.45 0.53
C LYS A 193 22.82 -15.11 1.20
N THR A 194 23.08 -13.99 0.51
CA THR A 194 22.57 -12.73 1.02
C THR A 194 21.62 -12.08 -0.01
N TYR A 195 20.68 -11.26 0.45
CA TYR A 195 19.81 -10.46 -0.42
C TYR A 195 20.07 -9.04 0.02
N ILE A 196 20.31 -8.13 -0.92
CA ILE A 196 20.66 -6.74 -0.57
C ILE A 196 19.72 -5.75 -1.24
N TYR A 197 19.22 -4.78 -0.46
CA TYR A 197 18.14 -3.87 -0.88
C TYR A 197 18.65 -2.45 -1.00
N PRO A 198 18.98 -2.00 -2.22
CA PRO A 198 19.63 -0.68 -2.44
C PRO A 198 18.70 0.54 -2.45
N ALA A 199 17.42 0.36 -2.15
CA ALA A 199 16.43 1.45 -2.27
C ALA A 199 16.84 2.69 -1.49
N LEU A 200 17.21 2.51 -0.22
CA LEU A 200 17.57 3.71 0.57
C LEU A 200 18.92 4.26 0.15
N LYS A 201 19.84 3.37 -0.24
CA LYS A 201 21.12 3.83 -0.82
C LYS A 201 20.85 4.72 -2.04
N ALA A 202 19.86 4.32 -2.86
CA ALA A 202 19.42 5.16 -4.01
C ALA A 202 18.95 6.52 -3.55
N VAL A 203 18.13 6.54 -2.51
CA VAL A 203 17.66 7.86 -1.97
C VAL A 203 18.80 8.80 -1.55
N VAL A 204 19.76 8.27 -0.80
CA VAL A 204 20.82 9.13 -0.25
CA VAL A 204 20.80 9.13 -0.24
C VAL A 204 21.85 9.54 -1.30
N THR A 205 22.03 8.72 -2.32
CA THR A 205 23.05 9.03 -3.34
C THR A 205 22.49 9.81 -4.52
N GLY A 206 21.18 9.80 -4.67
CA GLY A 206 20.55 10.43 -5.81
C GLY A 206 20.72 9.64 -7.08
N LYS A 207 21.06 8.36 -6.95
CA LYS A 207 21.23 7.48 -8.11
C LYS A 207 20.04 6.56 -8.14
N THR A 208 19.78 5.94 -9.29
CA THR A 208 18.70 4.98 -9.33
C THR A 208 19.21 3.65 -8.83
N ILE A 209 18.29 2.80 -8.42
CA ILE A 209 18.64 1.43 -8.08
C ILE A 209 19.35 0.75 -9.28
N HIS A 210 18.82 0.92 -10.48
CA HIS A 210 19.46 0.38 -11.68
C HIS A 210 20.94 0.80 -11.75
N GLU A 211 21.21 2.09 -11.65
CA GLU A 211 22.59 2.60 -11.70
CA GLU A 211 22.58 2.62 -11.69
C GLU A 211 23.48 1.98 -10.61
N LEU A 212 22.98 1.94 -9.37
CA LEU A 212 23.74 1.34 -8.26
C LEU A 212 24.04 -0.14 -8.54
N VAL A 213 23.00 -0.87 -8.90
CA VAL A 213 23.16 -2.33 -9.06
C VAL A 213 24.05 -2.66 -10.26
N PHE A 214 23.71 -2.14 -11.43
CA PHE A 214 24.53 -2.42 -12.61
C PHE A 214 25.96 -1.88 -12.47
N GLY A 215 26.10 -0.71 -11.87
CA GLY A 215 27.43 -0.16 -11.61
C GLY A 215 28.27 -1.08 -10.74
N SER A 216 27.67 -1.60 -9.67
CA SER A 216 28.42 -2.42 -8.69
C SER A 216 28.86 -3.76 -9.31
N VAL A 217 27.95 -4.36 -10.08
CA VAL A 217 28.28 -5.62 -10.75
C VAL A 217 29.37 -5.40 -11.83
N ARG A 218 29.30 -4.27 -12.54
CA ARG A 218 30.32 -3.97 -13.54
C ARG A 218 31.68 -3.80 -12.89
N ARG A 219 31.72 -3.19 -11.71
CA ARG A 219 32.98 -3.07 -10.98
C ARG A 219 33.52 -4.44 -10.60
N LEU A 220 32.63 -5.32 -10.15
CA LEU A 220 33.00 -6.67 -9.86
C LEU A 220 33.53 -7.42 -11.08
N ALA A 221 32.93 -7.17 -12.25
CA ALA A 221 33.30 -7.84 -13.49
C ALA A 221 34.72 -7.50 -13.99
N VAL A 222 35.36 -6.49 -13.41
CA VAL A 222 36.78 -6.21 -13.72
C VAL A 222 37.64 -7.40 -13.29
N ARG A 223 37.35 -7.94 -12.10
CA ARG A 223 38.06 -9.13 -11.62
C ARG A 223 37.39 -10.46 -11.96
N GLU A 224 36.09 -10.44 -12.23
N GLU A 224 36.12 -10.40 -12.33
CA GLU A 224 35.41 -11.64 -12.73
CA GLU A 224 35.40 -11.61 -12.66
C GLU A 224 34.71 -11.36 -14.04
C GLU A 224 34.69 -11.44 -14.03
N PRO A 225 35.48 -11.38 -15.14
CA PRO A 225 34.96 -11.05 -16.48
C PRO A 225 33.89 -12.00 -17.01
N ARG A 226 33.81 -13.20 -16.48
CA ARG A 226 32.81 -14.17 -16.93
C ARG A 226 31.34 -13.78 -16.65
N ILE A 227 31.10 -12.85 -15.73
CA ILE A 227 29.72 -12.39 -15.51
C ILE A 227 29.27 -11.28 -16.45
N LEU A 228 30.19 -10.75 -17.25
CA LEU A 228 29.86 -9.63 -18.14
C LEU A 228 28.89 -9.96 -19.29
N PRO A 229 29.10 -11.07 -20.02
CA PRO A 229 28.11 -11.28 -21.09
C PRO A 229 26.65 -11.33 -20.60
N PRO A 230 26.32 -12.10 -19.54
CA PRO A 230 24.89 -12.08 -19.17
C PRO A 230 24.46 -10.75 -18.55
N LEU A 231 25.37 -10.06 -17.86
CA LEU A 231 25.04 -8.76 -17.35
C LEU A 231 24.67 -7.80 -18.50
N ASN A 232 25.49 -7.79 -19.55
CA ASN A 232 25.25 -6.95 -20.72
C ASN A 232 23.92 -7.28 -21.37
N MET A 233 23.60 -8.57 -21.51
CA MET A 233 22.34 -8.97 -22.11
C MET A 233 21.13 -8.55 -21.26
N LEU A 234 21.25 -8.72 -19.96
CA LEU A 234 20.19 -8.30 -19.06
C LEU A 234 19.95 -6.79 -19.17
N GLU A 235 21.03 -6.01 -19.14
CA GLU A 235 20.87 -4.54 -19.20
C GLU A 235 20.25 -4.09 -20.54
N GLU A 236 20.61 -4.78 -21.63
CA GLU A 236 20.03 -4.50 -22.94
C GLU A 236 18.54 -4.83 -22.96
N TYR A 237 18.18 -5.99 -22.41
CA TYR A 237 16.77 -6.35 -22.26
C TYR A 237 16.01 -5.25 -21.47
N ILE A 238 16.52 -4.88 -20.31
CA ILE A 238 15.92 -3.80 -19.55
C ILE A 238 15.78 -2.48 -20.33
N ARG A 239 16.87 -2.00 -20.94
CA ARG A 239 16.80 -0.76 -21.71
CA ARG A 239 16.83 -0.78 -21.77
C ARG A 239 15.76 -0.85 -22.86
N SER A 240 15.64 -2.03 -23.47
CA SER A 240 14.66 -2.25 -24.57
C SER A 240 13.19 -2.05 -24.15
N ARG A 241 12.90 -2.13 -22.86
CA ARG A 241 11.52 -1.97 -22.38
C ARG A 241 11.12 -0.52 -22.20
N GLY A 242 12.10 0.37 -22.30
CA GLY A 242 11.85 1.81 -22.27
C GLY A 242 11.61 2.41 -20.90
N SER A 243 11.37 3.73 -20.85
CA SER A 243 11.29 4.42 -19.57
C SER A 243 9.93 4.29 -18.89
N LYS A 244 8.95 3.75 -19.61
CA LYS A 244 7.61 3.52 -19.09
C LYS A 244 7.40 2.04 -18.79
N SER A 245 8.49 1.29 -18.65
CA SER A 245 8.40 -0.15 -18.35
C SER A 245 7.69 -0.41 -17.03
N THR A 246 6.94 -1.51 -16.99
CA THR A 246 6.30 -2.00 -15.77
C THR A 246 7.23 -2.81 -14.86
N ALA A 247 8.44 -3.09 -15.35
CA ALA A 247 9.45 -3.86 -14.56
C ALA A 247 10.56 -2.93 -14.15
N SER A 248 11.01 -3.07 -12.90
CA SER A 248 12.09 -2.25 -12.39
CA SER A 248 12.08 -2.22 -12.38
C SER A 248 13.01 -3.05 -11.46
N PRO A 249 14.34 -2.81 -11.55
CA PRO A 249 15.23 -3.54 -10.63
C PRO A 249 15.01 -3.11 -9.16
N ARG A 250 15.01 -4.07 -8.24
CA ARG A 250 14.73 -3.77 -6.83
C ARG A 250 15.76 -4.29 -5.83
N LEU A 251 16.42 -5.39 -6.14
CA LEU A 251 17.43 -5.94 -5.19
C LEU A 251 18.39 -6.89 -5.92
N VAL A 252 19.41 -7.34 -5.19
CA VAL A 252 20.38 -8.32 -5.71
CA VAL A 252 20.40 -8.29 -5.71
C VAL A 252 20.58 -9.39 -4.66
N SER A 253 20.97 -10.59 -5.10
CA SER A 253 21.40 -11.58 -4.13
C SER A 253 22.67 -12.22 -4.65
N CYS A 254 23.47 -12.79 -3.74
CA CYS A 254 24.56 -13.65 -4.20
C CYS A 254 24.84 -14.71 -3.16
N ASP A 255 25.45 -15.79 -3.62
CA ASP A 255 25.90 -16.85 -2.73
C ASP A 255 27.13 -16.37 -1.99
N LEU A 256 27.25 -16.74 -0.72
CA LEU A 256 28.46 -16.35 0.05
C LEU A 256 29.42 -17.53 -0.04
N THR A 257 30.05 -17.65 -1.21
CA THR A 257 30.98 -18.72 -1.48
C THR A 257 32.02 -18.20 -2.46
N SER A 258 33.01 -19.02 -2.78
CA SER A 258 34.06 -18.65 -3.73
C SER A 258 33.48 -17.94 -4.96
N PRO A 259 34.09 -16.83 -5.37
CA PRO A 259 33.66 -16.09 -6.57
C PRO A 259 33.63 -16.96 -7.85
N ALA A 260 34.40 -18.04 -7.88
CA ALA A 260 34.39 -18.95 -9.02
C ALA A 260 33.01 -19.60 -9.20
N LYS A 261 32.32 -19.79 -8.07
CA LYS A 261 31.09 -20.58 -8.00
C LYS A 261 29.83 -19.75 -7.69
N SER A 262 30.01 -18.54 -7.13
CA SER A 262 28.86 -17.79 -6.63
CA SER A 262 28.87 -17.77 -6.63
C SER A 262 27.95 -17.32 -7.76
N ARG A 263 26.64 -17.42 -7.54
CA ARG A 263 25.69 -16.88 -8.51
C ARG A 263 25.14 -15.52 -8.03
N ILE A 264 25.35 -14.49 -8.83
CA ILE A 264 24.65 -13.20 -8.61
C ILE A 264 23.26 -13.25 -9.30
N LYS A 265 22.24 -12.82 -8.57
CA LYS A 265 20.91 -12.67 -9.14
C LYS A 265 20.46 -11.23 -9.04
N ILE A 266 19.91 -10.71 -10.13
CA ILE A 266 19.33 -9.38 -10.11
C ILE A 266 17.80 -9.51 -10.24
N TYR A 267 17.06 -8.82 -9.38
CA TYR A 267 15.61 -9.01 -9.21
C TYR A 267 14.85 -7.84 -9.81
N LEU A 268 13.86 -8.17 -10.67
CA LEU A 268 12.98 -7.16 -11.25
C LEU A 268 11.58 -7.31 -10.69
N LEU A 269 11.05 -6.24 -10.14
CA LEU A 269 9.64 -6.17 -9.80
C LEU A 269 8.88 -5.97 -11.11
N GLU A 270 7.82 -6.74 -11.32
CA GLU A 270 7.01 -6.63 -12.52
C GLU A 270 5.56 -6.32 -12.12
N GLN A 271 5.17 -5.06 -12.27
CA GLN A 271 3.84 -4.64 -11.82
C GLN A 271 2.68 -5.09 -12.73
N MET A 272 2.98 -5.53 -13.95
CA MET A 272 1.93 -6.14 -14.78
C MET A 272 1.83 -7.62 -14.47
N VAL A 273 0.72 -8.02 -13.87
CA VAL A 273 0.49 -9.44 -13.61
C VAL A 273 -0.23 -10.00 -14.83
N SER A 274 0.51 -10.64 -15.72
CA SER A 274 -0.10 -11.24 -16.91
C SER A 274 0.79 -12.39 -17.37
N LEU A 275 0.20 -13.36 -18.06
CA LEU A 275 1.02 -14.43 -18.64
C LEU A 275 2.03 -13.83 -19.66
N GLU A 276 1.57 -12.86 -20.44
CA GLU A 276 2.44 -12.21 -21.42
C GLU A 276 3.67 -11.58 -20.73
N ALA A 277 3.45 -10.94 -19.61
CA ALA A 277 4.59 -10.35 -18.89
C ALA A 277 5.55 -11.41 -18.36
N MET A 278 4.99 -12.50 -17.84
CA MET A 278 5.83 -13.54 -17.32
CA MET A 278 5.77 -13.62 -17.34
C MET A 278 6.61 -14.24 -18.45
N GLU A 279 5.96 -14.48 -19.59
CA GLU A 279 6.70 -15.02 -20.74
C GLU A 279 7.82 -14.10 -21.24
N ASP A 280 7.56 -12.79 -21.29
CA ASP A 280 8.57 -11.82 -21.71
C ASP A 280 9.82 -11.85 -20.82
N LEU A 281 9.60 -11.94 -19.50
CA LEU A 281 10.69 -12.12 -18.56
C LEU A 281 11.43 -13.43 -18.78
N TRP A 282 10.67 -14.52 -18.94
CA TRP A 282 11.25 -15.84 -19.10
C TRP A 282 12.17 -15.93 -20.33
N THR A 283 11.78 -15.28 -21.43
CA THR A 283 12.55 -15.34 -22.65
C THR A 283 13.46 -14.10 -22.84
N LEU A 284 13.51 -13.23 -21.85
CA LEU A 284 14.14 -11.90 -22.02
C LEU A 284 13.78 -11.28 -23.37
N GLY A 285 12.48 -11.09 -23.59
CA GLY A 285 12.01 -10.42 -24.81
C GLY A 285 12.35 -11.14 -26.09
N GLY A 286 12.40 -12.47 -26.05
CA GLY A 286 12.73 -13.31 -27.22
C GLY A 286 14.22 -13.54 -27.46
N ARG A 287 15.08 -13.06 -26.55
CA ARG A 287 16.53 -13.32 -26.61
C ARG A 287 16.91 -14.75 -26.21
N ARG A 288 16.12 -15.33 -25.30
CA ARG A 288 16.39 -16.66 -24.75
CA ARG A 288 16.39 -16.65 -24.79
C ARG A 288 15.33 -17.61 -25.31
N ARG A 289 15.68 -18.32 -26.39
CA ARG A 289 14.76 -19.04 -27.28
C ARG A 289 15.12 -20.53 -27.53
N ASP A 290 16.11 -21.02 -26.82
CA ASP A 290 16.63 -22.41 -27.01
C ASP A 290 15.57 -23.47 -26.61
N ALA A 291 15.75 -24.70 -27.05
CA ALA A 291 14.81 -25.77 -26.72
C ALA A 291 14.47 -25.92 -25.23
N SER A 292 15.48 -25.84 -24.37
CA SER A 292 15.24 -26.09 -22.97
C SER A 292 14.41 -24.95 -22.36
N THR A 293 14.74 -23.72 -22.74
CA THR A 293 13.93 -22.58 -22.33
C THR A 293 12.45 -22.73 -22.74
N LEU A 294 12.20 -23.15 -23.98
CA LEU A 294 10.84 -23.31 -24.50
C LEU A 294 10.13 -24.46 -23.80
N GLU A 295 10.87 -25.50 -23.45
CA GLU A 295 10.28 -26.57 -22.62
C GLU A 295 9.85 -26.04 -21.23
N GLY A 296 10.72 -25.27 -20.60
CA GLY A 296 10.43 -24.61 -19.32
C GLY A 296 9.24 -23.69 -19.47
N LEU A 297 9.13 -22.99 -20.61
CA LEU A 297 8.01 -22.07 -20.83
C LEU A 297 6.65 -22.79 -20.81
N SER A 298 6.62 -24.03 -21.30
CA SER A 298 5.35 -24.76 -21.26
C SER A 298 4.90 -25.04 -19.82
N LEU A 299 5.88 -25.21 -18.91
CA LEU A 299 5.58 -25.43 -17.50
C LEU A 299 5.18 -24.12 -16.82
N VAL A 300 5.79 -23.02 -17.23
CA VAL A 300 5.37 -21.69 -16.74
C VAL A 300 3.90 -21.46 -17.11
N ARG A 301 3.55 -21.77 -18.35
CA ARG A 301 2.17 -21.62 -18.80
C ARG A 301 1.21 -22.54 -18.04
N GLU A 302 1.65 -23.76 -17.76
CA GLU A 302 0.81 -24.69 -17.00
C GLU A 302 0.59 -24.16 -15.57
N LEU A 303 1.67 -23.69 -14.94
CA LEU A 303 1.54 -23.11 -13.62
C LEU A 303 0.63 -21.87 -13.64
N TRP A 304 0.81 -21.02 -14.64
CA TRP A 304 -0.05 -19.84 -14.79
C TRP A 304 -1.55 -20.27 -14.82
N ASP A 305 -1.87 -21.25 -15.64
CA ASP A 305 -3.23 -21.74 -15.77
C ASP A 305 -3.81 -22.37 -14.49
N LEU A 306 -2.95 -23.05 -13.71
CA LEU A 306 -3.42 -23.75 -12.51
C LEU A 306 -3.62 -22.73 -11.36
N ILE A 307 -2.68 -21.81 -11.24
CA ILE A 307 -2.68 -20.87 -10.08
C ILE A 307 -3.73 -19.77 -10.21
N GLN A 308 -4.00 -19.32 -11.44
CA GLN A 308 -5.01 -18.27 -11.70
CA GLN A 308 -5.02 -18.29 -11.69
C GLN A 308 -4.81 -17.00 -10.88
N LEU A 309 -3.61 -16.44 -10.98
CA LEU A 309 -3.39 -15.10 -10.40
C LEU A 309 -4.39 -14.08 -10.99
N SER A 310 -4.72 -13.07 -10.17
CA SER A 310 -5.54 -11.93 -10.58
CA SER A 310 -5.55 -11.95 -10.60
C SER A 310 -4.74 -11.03 -11.53
N PRO A 311 -5.12 -10.97 -12.82
CA PRO A 311 -4.32 -10.22 -13.79
C PRO A 311 -4.52 -8.72 -13.72
N GLY A 312 -3.53 -8.01 -14.23
CA GLY A 312 -3.61 -6.55 -14.39
C GLY A 312 -2.47 -5.86 -13.69
N LEU A 313 -2.37 -4.54 -13.91
CA LEU A 313 -1.34 -3.74 -13.29
C LEU A 313 -1.58 -3.64 -11.79
N LYS A 314 -0.52 -3.82 -11.01
CA LYS A 314 -0.64 -3.71 -9.54
C LYS A 314 0.20 -2.58 -9.02
N SER A 315 -0.37 -1.80 -8.11
CA SER A 315 0.39 -0.84 -7.37
C SER A 315 1.37 -1.53 -6.39
N TYR A 316 2.29 -0.74 -5.82
CA TYR A 316 2.96 -1.19 -4.62
C TYR A 316 1.90 -1.36 -3.55
N PRO A 317 2.07 -2.34 -2.66
CA PRO A 317 1.08 -2.55 -1.60
C PRO A 317 1.35 -1.67 -0.40
N ALA A 318 0.46 -1.73 0.61
CA ALA A 318 0.75 -1.09 1.90
C ALA A 318 2.14 -1.56 2.35
N PRO A 319 2.91 -0.72 3.05
CA PRO A 319 4.29 -1.11 3.39
C PRO A 319 4.38 -2.42 4.19
N TYR A 320 3.44 -2.60 5.12
CA TYR A 320 3.28 -3.90 5.83
C TYR A 320 1.84 -4.04 6.33
N LEU A 321 1.49 -5.24 6.81
CA LEU A 321 0.22 -5.49 7.47
C LEU A 321 0.48 -5.73 8.97
N PRO A 322 -0.37 -5.16 9.85
CA PRO A 322 -0.27 -5.48 11.26
C PRO A 322 -0.55 -6.96 11.44
N LEU A 323 0.01 -7.55 12.49
CA LEU A 323 -0.25 -8.99 12.74
C LEU A 323 -1.72 -9.21 13.03
N GLY A 324 -2.23 -10.35 12.60
CA GLY A 324 -3.64 -10.64 12.82
C GLY A 324 -4.54 -10.11 11.71
N VAL A 325 -3.99 -9.30 10.80
CA VAL A 325 -4.83 -8.69 9.77
C VAL A 325 -4.92 -9.57 8.53
N ILE A 326 -6.14 -9.85 8.10
CA ILE A 326 -6.39 -10.66 6.89
C ILE A 326 -6.09 -9.85 5.63
N PRO A 327 -5.28 -10.39 4.69
CA PRO A 327 -4.94 -9.55 3.53
C PRO A 327 -6.15 -9.31 2.64
N ASP A 328 -6.13 -8.15 1.96
CA ASP A 328 -7.16 -7.77 1.00
C ASP A 328 -6.41 -7.05 -0.13
N GLU A 329 -5.60 -7.82 -0.86
CA GLU A 329 -4.61 -7.23 -1.77
C GLU A 329 -4.12 -8.27 -2.77
N ARG A 330 -3.57 -7.78 -3.88
CA ARG A 330 -2.87 -8.66 -4.83
C ARG A 330 -1.58 -7.95 -5.21
N LEU A 331 -0.51 -8.70 -5.36
CA LEU A 331 0.82 -8.09 -5.44
C LEU A 331 1.43 -8.17 -6.85
N PRO A 332 2.37 -7.26 -7.16
CA PRO A 332 3.13 -7.46 -8.42
C PRO A 332 3.82 -8.84 -8.52
N LEU A 333 4.12 -9.24 -9.75
CA LEU A 333 5.06 -10.32 -9.97
C LEU A 333 6.50 -9.89 -9.70
N MET A 334 7.39 -10.88 -9.71
CA MET A 334 8.82 -10.60 -9.68
C MET A 334 9.54 -11.67 -10.48
N ALA A 335 10.71 -11.33 -11.01
CA ALA A 335 11.57 -12.34 -11.62
C ALA A 335 12.99 -11.98 -11.24
N ASN A 336 13.87 -12.98 -11.18
CA ASN A 336 15.28 -12.64 -11.06
C ASN A 336 16.04 -13.33 -12.19
N PHE A 337 17.26 -12.86 -12.40
CA PHE A 337 18.12 -13.29 -13.50
C PHE A 337 19.51 -13.62 -12.94
N THR A 338 19.92 -14.85 -13.14
CA THR A 338 21.21 -15.28 -12.62
C THR A 338 22.27 -14.99 -13.67
N LEU A 339 23.41 -14.46 -13.24
CA LEU A 339 24.52 -14.16 -14.12
C LEU A 339 25.49 -15.33 -13.97
N HIS A 340 25.24 -16.39 -14.75
CA HIS A 340 26.07 -17.60 -14.70
CA HIS A 340 26.06 -17.58 -14.67
C HIS A 340 27.42 -17.38 -15.35
N GLN A 341 28.49 -17.80 -14.66
CA GLN A 341 29.86 -17.67 -15.15
CA GLN A 341 29.83 -17.61 -15.20
C GLN A 341 30.14 -18.53 -16.40
N ASN A 342 29.30 -19.54 -16.62
CA ASN A 342 29.49 -20.45 -17.77
CA ASN A 342 29.47 -20.48 -17.77
C ASN A 342 28.34 -20.43 -18.79
N ASP A 343 27.50 -19.40 -18.73
CA ASP A 343 26.39 -19.24 -19.66
C ASP A 343 26.29 -17.76 -20.03
N PRO A 344 26.42 -17.42 -21.34
CA PRO A 344 26.37 -16.02 -21.79
C PRO A 344 24.98 -15.36 -21.68
N VAL A 345 23.95 -16.17 -21.49
CA VAL A 345 22.58 -15.68 -21.39
C VAL A 345 22.10 -15.79 -19.93
N PRO A 346 21.55 -14.69 -19.37
CA PRO A 346 21.04 -14.72 -17.98
C PRO A 346 19.92 -15.74 -17.85
N GLU A 347 19.90 -16.44 -16.71
CA GLU A 347 18.90 -17.48 -16.47
C GLU A 347 17.75 -16.93 -15.64
N PRO A 348 16.50 -17.03 -16.15
CA PRO A 348 15.41 -16.48 -15.35
C PRO A 348 14.85 -17.42 -14.29
N GLN A 349 14.33 -16.81 -13.24
CA GLN A 349 13.51 -17.52 -12.25
C GLN A 349 12.33 -16.61 -12.05
N VAL A 350 11.11 -17.16 -12.12
CA VAL A 350 9.92 -16.28 -11.98
C VAL A 350 9.18 -16.57 -10.68
N TYR A 351 8.49 -15.54 -10.19
CA TYR A 351 7.72 -15.69 -8.96
CA TYR A 351 7.72 -15.68 -8.95
C TYR A 351 6.25 -15.44 -9.24
N PHE A 352 5.41 -16.41 -8.88
CA PHE A 352 3.97 -16.25 -8.92
C PHE A 352 3.57 -15.79 -7.53
N THR A 353 3.24 -14.51 -7.42
CA THR A 353 3.01 -13.91 -6.12
CA THR A 353 3.01 -13.91 -6.12
C THR A 353 1.58 -14.17 -5.66
N THR A 354 1.41 -15.20 -4.83
CA THR A 354 0.10 -15.69 -4.43
C THR A 354 -0.44 -15.06 -3.13
N PHE A 355 0.38 -14.27 -2.45
CA PHE A 355 -0.04 -13.72 -1.17
C PHE A 355 -1.42 -13.04 -1.25
N GLY A 356 -2.34 -13.45 -0.39
CA GLY A 356 -3.68 -12.83 -0.33
C GLY A 356 -4.70 -13.75 -0.96
N MET A 357 -4.22 -14.72 -1.75
CA MET A 357 -5.15 -15.67 -2.41
C MET A 357 -5.51 -16.83 -1.49
N ASN A 358 -6.64 -17.47 -1.75
CA ASN A 358 -7.06 -18.60 -0.94
C ASN A 358 -6.00 -19.73 -0.94
N ASP A 359 -5.57 -20.13 0.24
CA ASP A 359 -4.48 -21.10 0.39
C ASP A 359 -4.85 -22.49 -0.03
N MET A 360 -6.08 -22.88 0.28
CA MET A 360 -6.49 -24.23 -0.15
C MET A 360 -6.56 -24.36 -1.68
N ALA A 361 -6.95 -23.30 -2.38
CA ALA A 361 -6.96 -23.33 -3.86
C ALA A 361 -5.54 -23.34 -4.44
N VAL A 362 -4.64 -22.55 -3.84
CA VAL A 362 -3.25 -22.59 -4.28
C VAL A 362 -2.65 -24.00 -4.03
N ALA A 363 -2.98 -24.59 -2.88
CA ALA A 363 -2.47 -25.94 -2.54
C ALA A 363 -3.00 -26.96 -3.56
N ASP A 364 -4.27 -26.81 -3.95
CA ASP A 364 -4.85 -27.66 -4.99
CA ASP A 364 -4.86 -27.65 -5.00
C ASP A 364 -4.13 -27.51 -6.33
N ALA A 365 -3.83 -26.27 -6.73
CA ALA A 365 -3.09 -26.06 -7.96
C ALA A 365 -1.70 -26.71 -7.88
N LEU A 366 -1.02 -26.53 -6.76
CA LEU A 366 0.31 -27.11 -6.58
C LEU A 366 0.24 -28.63 -6.65
N THR A 367 -0.76 -29.18 -5.99
CA THR A 367 -0.93 -30.63 -5.92
CA THR A 367 -0.85 -30.64 -5.94
C THR A 367 -1.14 -31.21 -7.32
N THR A 368 -1.92 -30.51 -8.13
CA THR A 368 -2.16 -30.97 -9.49
C THR A 368 -0.85 -30.92 -10.30
N PHE A 369 -0.12 -29.83 -10.17
CA PHE A 369 1.18 -29.73 -10.81
C PHE A 369 2.15 -30.83 -10.39
N PHE A 370 2.23 -31.10 -9.09
CA PHE A 370 3.05 -32.21 -8.57
C PHE A 370 2.66 -33.54 -9.16
N GLU A 371 1.35 -33.81 -9.25
CA GLU A 371 0.90 -35.06 -9.82
CA GLU A 371 0.89 -35.07 -9.83
C GLU A 371 1.33 -35.16 -11.29
N ARG A 372 1.22 -34.05 -12.01
CA ARG A 372 1.57 -34.05 -13.43
C ARG A 372 3.07 -34.25 -13.70
N ARG A 373 3.91 -33.88 -12.73
CA ARG A 373 5.34 -34.09 -12.83
C ARG A 373 5.71 -35.51 -12.37
N GLY A 374 4.73 -36.28 -11.91
CA GLY A 374 5.02 -37.56 -11.28
C GLY A 374 5.66 -37.47 -9.90
N TRP A 375 5.49 -36.35 -9.20
CA TRP A 375 5.99 -36.20 -7.81
C TRP A 375 4.90 -36.72 -6.87
N SER A 376 4.71 -38.04 -6.86
CA SER A 376 3.54 -38.61 -6.17
C SER A 376 3.60 -38.48 -4.63
N GLU A 377 4.81 -38.49 -4.06
CA GLU A 377 4.99 -38.24 -2.63
C GLU A 377 4.56 -36.83 -2.26
N MET A 378 5.15 -35.83 -2.92
CA MET A 378 4.78 -34.42 -2.74
C MET A 378 3.24 -34.28 -2.87
N ALA A 379 2.70 -34.84 -3.95
CA ALA A 379 1.27 -34.68 -4.24
C ALA A 379 0.33 -35.16 -3.13
N ARG A 380 0.65 -36.33 -2.54
CA ARG A 380 -0.22 -36.88 -1.53
CA ARG A 380 -0.17 -36.96 -1.49
C ARG A 380 0.05 -36.34 -0.11
N THR A 381 1.19 -35.71 0.12
CA THR A 381 1.49 -35.20 1.46
C THR A 381 1.30 -33.70 1.62
N TYR A 382 1.30 -32.97 0.50
CA TYR A 382 1.51 -31.50 0.60
C TYR A 382 0.45 -30.82 1.48
N GLU A 383 -0.83 -31.01 1.11
CA GLU A 383 -1.92 -30.29 1.80
CA GLU A 383 -1.93 -30.31 1.79
C GLU A 383 -2.06 -30.72 3.26
N THR A 384 -1.94 -32.02 3.51
CA THR A 384 -2.01 -32.54 4.88
C THR A 384 -0.91 -31.92 5.73
N THR A 385 0.30 -31.83 5.19
CA THR A 385 1.40 -31.25 5.97
C THR A 385 1.19 -29.76 6.20
N LEU A 386 0.73 -29.06 5.17
CA LEU A 386 0.55 -27.60 5.28
C LEU A 386 -0.47 -27.31 6.40
N LYS A 387 -1.57 -28.05 6.42
CA LYS A 387 -2.58 -27.91 7.46
C LYS A 387 -1.98 -28.17 8.84
N SER A 388 -1.09 -29.17 8.96
CA SER A 388 -0.48 -29.50 10.25
C SER A 388 0.34 -28.36 10.83
N TYR A 389 0.85 -27.48 9.96
CA TYR A 389 1.58 -26.29 10.42
C TYR A 389 0.70 -25.32 11.21
N TYR A 390 -0.58 -25.26 10.82
CA TYR A 390 -1.55 -24.36 11.44
C TYR A 390 -2.81 -25.19 11.76
N PRO A 391 -2.66 -26.13 12.70
CA PRO A 391 -3.67 -27.20 12.82
C PRO A 391 -5.00 -26.70 13.44
N HIS A 392 -4.98 -25.53 14.05
CA HIS A 392 -6.19 -24.96 14.64
C HIS A 392 -6.91 -23.92 13.74
N ALA A 393 -6.36 -23.65 12.55
CA ALA A 393 -6.91 -22.63 11.66
C ALA A 393 -8.15 -23.13 10.94
N ASP A 394 -9.00 -22.21 10.50
CA ASP A 394 -10.10 -22.60 9.60
C ASP A 394 -9.48 -22.65 8.21
N HIS A 395 -9.02 -23.83 7.80
CA HIS A 395 -8.11 -23.93 6.65
C HIS A 395 -8.67 -23.39 5.34
N ASP A 396 -9.96 -23.61 5.10
CA ASP A 396 -10.61 -23.19 3.87
C ASP A 396 -10.74 -21.69 3.72
N LYS A 397 -10.54 -20.97 4.82
CA LYS A 397 -10.58 -19.53 4.79
C LYS A 397 -9.20 -18.87 4.73
N LEU A 398 -8.12 -19.63 4.94
CA LEU A 398 -6.77 -18.99 5.00
C LEU A 398 -6.41 -18.37 3.65
N ASN A 399 -5.84 -17.17 3.70
CA ASN A 399 -5.38 -16.53 2.48
C ASN A 399 -4.08 -15.74 2.71
N TYR A 400 -3.17 -16.34 3.47
CA TYR A 400 -1.87 -15.69 3.68
C TYR A 400 -0.72 -16.65 3.90
N LEU A 401 -0.95 -17.96 3.81
CA LEU A 401 0.18 -18.90 3.98
C LEU A 401 1.15 -18.94 2.77
N HIS A 402 0.62 -18.94 1.55
CA HIS A 402 1.52 -18.99 0.42
C HIS A 402 1.94 -17.60 0.00
N ALA A 403 3.14 -17.19 0.40
CA ALA A 403 3.64 -15.83 0.03
C ALA A 403 3.87 -15.76 -1.48
N TYR A 404 4.59 -16.75 -1.99
CA TYR A 404 4.81 -16.86 -3.44
C TYR A 404 5.37 -18.21 -3.76
N ILE A 405 5.36 -18.54 -5.05
CA ILE A 405 5.88 -19.77 -5.57
C ILE A 405 6.93 -19.37 -6.61
N SER A 406 8.11 -19.98 -6.57
CA SER A 406 9.17 -19.61 -7.53
C SER A 406 9.33 -20.76 -8.51
N PHE A 407 9.71 -20.46 -9.75
CA PHE A 407 9.96 -21.51 -10.73
C PHE A 407 11.18 -21.21 -11.58
N SER A 408 12.03 -22.22 -11.76
CA SER A 408 13.14 -22.15 -12.72
C SER A 408 13.24 -23.50 -13.44
N TYR A 409 13.97 -23.53 -14.55
CA TYR A 409 14.09 -24.79 -15.32
C TYR A 409 15.53 -24.88 -15.75
N ARG A 410 16.27 -25.81 -15.16
CA ARG A 410 17.70 -25.89 -15.48
C ARG A 410 18.04 -27.35 -15.57
N ASP A 411 18.93 -27.68 -16.51
CA ASP A 411 19.25 -29.09 -16.77
C ASP A 411 17.97 -29.91 -17.03
N ARG A 412 17.04 -29.30 -17.74
CA ARG A 412 15.74 -29.92 -18.10
C ARG A 412 14.99 -30.44 -16.87
N THR A 413 15.14 -29.73 -15.77
CA THR A 413 14.55 -30.12 -14.49
C THR A 413 13.73 -28.94 -13.95
N PRO A 414 12.46 -29.18 -13.62
CA PRO A 414 11.62 -28.12 -13.06
C PRO A 414 11.96 -27.96 -11.57
N TYR A 415 12.30 -26.74 -11.19
CA TYR A 415 12.55 -26.38 -9.80
C TYR A 415 11.45 -25.48 -9.34
N LEU A 416 10.65 -25.99 -8.41
CA LEU A 416 9.51 -25.24 -7.90
C LEU A 416 9.69 -25.12 -6.39
N SER A 417 9.72 -23.89 -5.87
CA SER A 417 9.82 -23.68 -4.42
C SER A 417 8.60 -22.92 -3.91
N VAL A 418 8.18 -23.20 -2.67
CA VAL A 418 7.08 -22.46 -2.03
C VAL A 418 7.64 -21.71 -0.82
N TYR A 419 7.20 -20.47 -0.61
CA TYR A 419 7.69 -19.61 0.46
C TYR A 419 6.48 -19.37 1.35
N LEU A 420 6.57 -19.76 2.63
CA LEU A 420 5.37 -19.98 3.44
C LEU A 420 5.43 -19.17 4.71
N GLN A 421 4.30 -18.56 5.07
CA GLN A 421 4.14 -17.96 6.41
C GLN A 421 4.67 -18.92 7.48
N SER A 422 5.56 -18.40 8.35
CA SER A 422 6.28 -19.21 9.30
C SER A 422 6.21 -18.52 10.65
N PHE A 423 5.05 -18.56 11.29
CA PHE A 423 4.86 -17.76 12.49
C PHE A 423 3.65 -18.30 13.26
N GLU A 424 3.84 -18.58 14.55
CA GLU A 424 2.72 -19.01 15.43
C GLU A 424 2.09 -20.32 14.95
N THR A 425 2.97 -21.31 14.84
CA THR A 425 2.64 -22.59 14.21
C THR A 425 2.30 -23.61 15.28
N GLY A 426 1.81 -24.77 14.87
CA GLY A 426 1.48 -25.86 15.81
C GLY A 426 0.42 -25.41 16.81
N ASP A 427 0.69 -25.71 18.07
CA ASP A 427 -0.25 -25.43 19.13
C ASP A 427 -0.27 -23.98 19.62
N TRP A 428 0.48 -23.08 18.97
CA TRP A 428 0.49 -21.68 19.42
C TRP A 428 -0.93 -21.13 19.62
N ALA A 429 -1.79 -21.27 18.61
CA ALA A 429 -3.09 -20.59 18.54
C ALA A 429 -4.03 -20.93 19.71
N VAL A 430 -3.84 -22.12 20.30
CA VAL A 430 -4.57 -22.53 21.51
C VAL A 430 -3.70 -22.52 22.77
N ALA A 431 -2.43 -22.13 22.63
CA ALA A 431 -1.52 -22.05 23.79
C ALA A 431 -1.36 -20.61 24.27
N PRO A 452 -14.89 -12.55 11.20
CA PRO A 452 -16.21 -12.78 10.59
C PRO A 452 -16.14 -13.24 9.12
N ASP A 453 -15.01 -13.84 8.73
CA ASP A 453 -14.75 -14.31 7.35
C ASP A 453 -14.30 -13.17 6.42
N LEU A 454 -13.20 -12.52 6.79
CA LEU A 454 -12.74 -11.33 6.08
C LEU A 454 -12.21 -11.60 4.68
N SER A 455 -11.81 -12.84 4.41
CA SER A 455 -11.18 -13.16 3.13
C SER A 455 -12.12 -12.81 1.97
N LYS A 456 -13.41 -12.77 2.29
CA LYS A 456 -14.44 -12.63 1.27
C LYS A 456 -15.15 -11.27 1.29
N THR A 457 -14.54 -10.28 1.93
CA THR A 457 -15.03 -8.92 1.85
C THR A 457 -13.89 -8.02 1.36
N GLY A 458 -14.14 -6.72 1.29
CA GLY A 458 -13.10 -5.80 0.86
C GLY A 458 -12.97 -5.77 -0.65
N VAL A 459 -11.91 -5.15 -1.14
CA VAL A 459 -11.75 -4.95 -2.59
C VAL A 459 -11.36 -6.22 -3.40
N TYR A 460 -10.89 -7.27 -2.73
CA TYR A 460 -10.69 -8.58 -3.38
C TYR A 460 -11.50 -9.73 -2.75
N TYR A 461 -11.79 -10.74 -3.56
CA TYR A 461 -12.47 -11.94 -3.10
C TYR A 461 -11.46 -13.09 -3.07
N SER A 462 -11.34 -13.76 -1.93
CA SER A 462 -10.51 -14.96 -1.84
C SER A 462 -11.32 -16.11 -1.27
N GLY A 463 -11.46 -17.18 -2.04
CA GLY A 463 -12.21 -18.34 -1.58
C GLY A 463 -11.89 -19.59 -2.39
N LEU A 464 -12.32 -20.74 -1.88
CA LEU A 464 -12.12 -22.00 -2.59
C LEU A 464 -12.96 -22.05 -3.87
N ALA B 9 -0.22 21.90 24.61
CA ALA B 9 -0.60 21.27 25.91
C ALA B 9 -2.10 21.03 25.98
N ALA B 10 -2.80 21.23 24.86
CA ALA B 10 -4.26 21.22 24.84
C ALA B 10 -4.72 19.82 24.44
N ASN B 11 -5.93 19.44 24.80
CA ASN B 11 -6.46 18.11 24.43
C ASN B 11 -7.87 18.30 23.88
N ALA B 12 -8.13 17.86 22.65
CA ALA B 12 -9.45 18.04 22.06
C ALA B 12 -10.60 17.40 22.88
N SER B 13 -10.33 16.34 23.62
CA SER B 13 -11.32 15.70 24.49
C SER B 13 -11.80 16.61 25.65
N SER B 14 -11.12 17.73 25.89
CA SER B 14 -11.55 18.72 26.89
CA SER B 14 -11.60 18.67 26.90
C SER B 14 -12.67 19.61 26.35
N ALA B 15 -12.86 19.60 25.02
CA ALA B 15 -13.87 20.47 24.39
C ALA B 15 -15.23 20.30 25.07
N GLU B 16 -15.76 21.40 25.62
CA GLU B 16 -16.97 21.33 26.41
C GLU B 16 -18.17 20.68 25.70
N ALA B 17 -18.44 21.04 24.45
CA ALA B 17 -19.59 20.49 23.73
C ALA B 17 -19.48 18.99 23.58
N TYR B 18 -18.24 18.52 23.35
CA TYR B 18 -18.03 17.08 23.25
C TYR B 18 -18.36 16.40 24.59
N ARG B 19 -17.88 16.96 25.71
CA ARG B 19 -18.07 16.37 27.04
CA ARG B 19 -18.07 16.33 27.01
C ARG B 19 -19.55 16.36 27.44
N VAL B 20 -20.22 17.48 27.17
CA VAL B 20 -21.65 17.62 27.51
C VAL B 20 -22.53 16.70 26.69
N LEU B 21 -22.34 16.72 25.37
CA LEU B 21 -23.13 15.82 24.50
C LEU B 21 -22.92 14.36 24.83
N SER B 22 -21.68 14.02 25.20
CA SER B 22 -21.37 12.63 25.60
C SER B 22 -22.20 12.19 26.82
N ARG B 23 -22.49 13.13 27.73
CA ARG B 23 -23.38 12.88 28.87
C ARG B 23 -24.85 12.73 28.48
N ALA B 24 -25.24 13.24 27.30
CA ALA B 24 -26.65 13.38 26.92
C ALA B 24 -27.14 12.25 26.01
N PHE B 25 -26.26 11.76 25.14
CA PHE B 25 -26.70 11.02 23.95
C PHE B 25 -27.05 9.56 24.22
N ARG B 26 -28.13 9.12 23.58
CA ARG B 26 -28.47 7.68 23.48
C ARG B 26 -27.74 7.09 22.29
N PHE B 27 -27.13 5.90 22.48
CA PHE B 27 -26.59 5.15 21.35
C PHE B 27 -27.19 3.78 21.44
N ASP B 28 -27.74 3.31 20.32
CA ASP B 28 -28.37 2.00 20.35
C ASP B 28 -27.44 0.90 19.90
N ASN B 29 -26.29 1.26 19.34
CA ASN B 29 -25.28 0.25 19.10
C ASN B 29 -23.88 0.75 19.40
N GLU B 30 -22.96 -0.21 19.55
CA GLU B 30 -21.57 0.18 19.88
C GLU B 30 -20.91 0.93 18.73
N ASP B 31 -21.22 0.56 17.48
CA ASP B 31 -20.60 1.25 16.36
C ASP B 31 -20.81 2.77 16.37
N GLN B 32 -22.03 3.20 16.68
CA GLN B 32 -22.31 4.65 16.66
C GLN B 32 -21.64 5.33 17.81
N LYS B 33 -21.66 4.65 18.97
CA LYS B 33 -20.99 5.19 20.17
C LYS B 33 -19.49 5.40 19.89
N LEU B 34 -18.87 4.39 19.26
CA LEU B 34 -17.44 4.48 18.97
C LEU B 34 -17.15 5.57 17.94
N TRP B 35 -17.98 5.66 16.92
CA TRP B 35 -17.86 6.71 15.92
C TRP B 35 -17.88 8.09 16.57
N TRP B 36 -18.80 8.29 17.50
CA TRP B 36 -18.92 9.57 18.20
C TRP B 36 -17.65 9.87 18.98
N HIS B 37 -17.19 8.93 19.81
CA HIS B 37 -16.01 9.27 20.64
C HIS B 37 -14.73 9.35 19.80
N SER B 38 -14.72 8.64 18.67
CA SER B 38 -13.57 8.66 17.78
C SER B 38 -13.38 10.02 17.11
N THR B 39 -14.49 10.61 16.66
CA THR B 39 -14.43 11.80 15.80
C THR B 39 -14.82 13.10 16.47
N ALA B 40 -15.69 13.04 17.49
CA ALA B 40 -16.27 14.25 18.06
C ALA B 40 -15.28 15.15 18.85
N PRO B 41 -14.26 14.57 19.53
CA PRO B 41 -13.31 15.51 20.20
C PRO B 41 -12.67 16.49 19.20
N MET B 42 -12.16 15.98 18.08
CA MET B 42 -11.62 16.85 17.05
C MET B 42 -12.68 17.78 16.46
N PHE B 43 -13.85 17.24 16.13
CA PHE B 43 -14.92 18.05 15.55
C PHE B 43 -15.29 19.21 16.48
N ALA B 44 -15.53 18.91 17.75
CA ALA B 44 -15.92 19.93 18.70
C ALA B 44 -14.79 20.99 18.88
N LYS B 45 -13.57 20.52 19.04
CA LYS B 45 -12.41 21.44 19.22
C LYS B 45 -12.23 22.33 17.99
N MET B 46 -12.42 21.75 16.80
CA MET B 46 -12.32 22.50 15.56
C MET B 46 -13.40 23.59 15.51
N LEU B 47 -14.65 23.27 15.87
CA LEU B 47 -15.71 24.30 15.89
C LEU B 47 -15.37 25.37 16.90
N GLU B 48 -14.88 24.96 18.07
CA GLU B 48 -14.52 25.94 19.12
C GLU B 48 -13.46 26.92 18.62
N THR B 49 -12.39 26.37 18.04
CA THR B 49 -11.23 27.18 17.66
C THR B 49 -11.55 28.07 16.45
N ALA B 50 -12.46 27.62 15.59
CA ALA B 50 -12.93 28.44 14.46
C ALA B 50 -14.02 29.46 14.86
N ASN B 51 -14.22 29.65 16.16
CA ASN B 51 -15.10 30.67 16.71
C ASN B 51 -16.60 30.47 16.45
N TYR B 52 -17.03 29.23 16.34
CA TYR B 52 -18.46 28.99 16.29
C TYR B 52 -19.07 29.27 17.67
N THR B 53 -20.25 29.88 17.68
CA THR B 53 -20.97 30.17 18.95
C THR B 53 -21.33 28.85 19.62
N THR B 54 -21.57 28.88 20.91
CA THR B 54 -21.95 27.65 21.64
C THR B 54 -23.21 26.98 21.06
N PRO B 55 -24.29 27.75 20.78
CA PRO B 55 -25.47 27.09 20.24
C PRO B 55 -25.16 26.44 18.88
N CYS B 56 -24.32 27.07 18.07
CA CYS B 56 -23.92 26.44 16.79
C CYS B 56 -23.11 25.15 16.98
N GLN B 57 -22.20 25.14 17.95
CA GLN B 57 -21.41 23.93 18.23
C GLN B 57 -22.37 22.77 18.54
N TYR B 58 -23.30 23.01 19.47
CA TYR B 58 -24.25 21.94 19.80
C TYR B 58 -25.11 21.56 18.60
N GLN B 59 -25.63 22.54 17.87
CA GLN B 59 -26.54 22.25 16.76
C GLN B 59 -25.86 21.32 15.71
N TYR B 60 -24.64 21.69 15.32
CA TYR B 60 -23.96 20.91 14.26
C TYR B 60 -23.55 19.52 14.76
N LEU B 61 -23.11 19.44 16.01
CA LEU B 61 -22.71 18.13 16.58
C LEU B 61 -23.89 17.18 16.76
N ILE B 62 -25.04 17.75 17.13
CA ILE B 62 -26.27 16.94 17.30
C ILE B 62 -26.72 16.44 15.96
N THR B 63 -26.74 17.33 14.98
CA THR B 63 -27.18 16.87 13.63
C THR B 63 -26.24 15.80 13.05
N TYR B 64 -24.94 15.97 13.26
CA TYR B 64 -23.95 14.96 12.86
C TYR B 64 -24.25 13.64 13.55
N LYS B 65 -24.44 13.66 14.86
CA LYS B 65 -24.66 12.39 15.61
C LYS B 65 -25.96 11.70 15.18
N GLU B 66 -27.04 12.46 15.05
CA GLU B 66 -28.36 11.90 14.77
C GLU B 66 -28.59 11.52 13.31
N CYS B 67 -28.09 12.35 12.40
CA CYS B 67 -28.32 12.15 10.96
C CYS B 67 -27.18 11.52 10.20
N VAL B 68 -25.94 11.69 10.66
CA VAL B 68 -24.79 11.22 9.84
C VAL B 68 -24.11 9.97 10.41
N ILE B 69 -23.83 9.97 11.72
CA ILE B 69 -23.17 8.80 12.35
C ILE B 69 -23.86 7.48 12.01
N PRO B 70 -25.21 7.43 12.01
CA PRO B 70 -25.84 6.12 11.68
C PRO B 70 -25.62 5.70 10.22
N SER B 71 -25.12 6.61 9.40
CA SER B 71 -24.79 6.37 7.97
C SER B 71 -23.28 6.14 7.74
N LEU B 72 -22.51 5.97 8.82
CA LEU B 72 -21.05 5.75 8.70
C LEU B 72 -20.65 4.29 8.69
N GLY B 73 -21.63 3.39 8.77
CA GLY B 73 -21.41 1.92 8.80
C GLY B 73 -20.77 1.48 10.13
N CYS B 74 -20.24 0.26 10.16
CA CYS B 74 -19.60 -0.26 11.38
CA CYS B 74 -19.64 -0.23 11.40
C CYS B 74 -18.39 0.58 11.77
N TYR B 75 -18.01 0.53 13.04
CA TYR B 75 -16.84 1.31 13.44
C TYR B 75 -15.61 0.66 12.79
N PRO B 76 -14.77 1.45 12.10
CA PRO B 76 -13.67 0.85 11.31
C PRO B 76 -12.59 0.21 12.18
N THR B 77 -12.31 -1.06 11.91
CA THR B 77 -11.17 -1.73 12.51
C THR B 77 -10.56 -2.63 11.45
N ASN B 78 -9.38 -3.19 11.75
CA ASN B 78 -8.77 -4.14 10.80
C ASN B 78 -9.30 -5.56 10.97
N SER B 79 -10.13 -5.80 11.98
CA SER B 79 -10.56 -7.18 12.30
CA SER B 79 -10.57 -7.16 12.36
C SER B 79 -11.99 -7.55 11.92
N ALA B 80 -12.69 -6.65 11.23
CA ALA B 80 -14.06 -6.93 10.80
C ALA B 80 -14.37 -6.31 9.43
N PRO B 81 -15.22 -6.98 8.61
CA PRO B 81 -15.61 -6.45 7.31
C PRO B 81 -16.15 -5.02 7.42
N ARG B 82 -15.68 -4.16 6.52
CA ARG B 82 -16.17 -2.80 6.47
C ARG B 82 -16.13 -2.28 5.04
N TRP B 83 -16.90 -1.23 4.80
CA TRP B 83 -16.89 -0.57 3.50
C TRP B 83 -15.64 0.29 3.41
N LEU B 84 -14.88 0.14 2.33
CA LEU B 84 -13.69 0.97 2.14
C LEU B 84 -14.03 2.15 1.25
N SER B 85 -13.97 3.34 1.82
CA SER B 85 -14.35 4.56 1.11
C SER B 85 -13.14 5.23 0.45
N ILE B 86 -13.38 5.86 -0.69
CA ILE B 86 -12.36 6.64 -1.37
C ILE B 86 -12.05 7.91 -0.63
N LEU B 87 -12.83 8.26 0.41
CA LEU B 87 -12.64 9.56 1.07
C LEU B 87 -11.27 9.67 1.73
N THR B 88 -10.76 8.57 2.26
CA THR B 88 -9.44 8.62 2.95
C THR B 88 -8.57 7.46 2.51
N ARG B 89 -7.26 7.59 2.76
CA ARG B 89 -6.32 6.54 2.31
C ARG B 89 -6.46 5.28 3.15
N TYR B 90 -7.13 5.40 4.31
CA TYR B 90 -7.43 4.26 5.21
C TYR B 90 -8.82 3.70 4.95
N GLY B 91 -9.50 4.28 3.98
CA GLY B 91 -10.84 3.83 3.62
C GLY B 91 -11.95 4.18 4.60
N THR B 92 -11.68 5.08 5.55
CA THR B 92 -12.73 5.50 6.49
C THR B 92 -13.65 6.52 5.82
N PRO B 93 -14.97 6.50 6.18
CA PRO B 93 -15.92 7.30 5.40
C PRO B 93 -16.25 8.68 6.00
N PHE B 94 -15.31 9.28 6.73
CA PHE B 94 -15.51 10.59 7.32
C PHE B 94 -14.24 11.44 7.29
N GLU B 95 -14.39 12.71 6.95
CA GLU B 95 -13.26 13.64 6.97
C GLU B 95 -13.67 15.07 7.21
N LEU B 96 -13.03 15.70 8.20
CA LEU B 96 -13.19 17.12 8.43
C LEU B 96 -12.23 17.95 7.58
N SER B 97 -12.66 19.18 7.28
CA SER B 97 -11.81 20.15 6.59
CA SER B 97 -11.86 20.16 6.54
C SER B 97 -12.13 21.55 7.09
N LEU B 98 -11.12 22.40 7.11
CA LEU B 98 -11.31 23.75 7.57
C LEU B 98 -10.90 24.69 6.45
N ASN B 99 -11.81 25.61 6.11
CA ASN B 99 -11.46 26.73 5.26
C ASN B 99 -10.78 27.73 6.16
N CYS B 100 -9.48 27.86 6.02
CA CYS B 100 -8.69 28.68 6.96
C CYS B 100 -8.86 30.17 6.69
N SER B 101 -9.29 30.51 5.47
CA SER B 101 -9.49 31.91 5.10
C SER B 101 -10.77 32.48 5.70
N ASN B 102 -11.82 31.68 5.79
CA ASN B 102 -13.08 32.16 6.37
C ASN B 102 -13.54 31.46 7.65
N SER B 103 -12.68 30.60 8.21
CA SER B 103 -13.00 29.81 9.40
C SER B 103 -14.31 29.02 9.31
N ILE B 104 -14.59 28.45 8.13
CA ILE B 104 -15.78 27.62 7.95
C ILE B 104 -15.34 26.16 8.00
N VAL B 105 -15.96 25.41 8.91
CA VAL B 105 -15.75 23.95 9.03
C VAL B 105 -16.69 23.24 8.08
N ARG B 106 -16.15 22.21 7.40
CA ARG B 106 -16.89 21.31 6.54
C ARG B 106 -16.63 19.89 7.03
N TYR B 107 -17.55 18.99 6.77
CA TYR B 107 -17.19 17.58 6.80
C TYR B 107 -17.79 16.87 5.61
N THR B 108 -17.09 15.81 5.22
CA THR B 108 -17.48 15.02 4.09
C THR B 108 -17.67 13.59 4.59
N PHE B 109 -18.64 12.87 4.02
CA PHE B 109 -18.78 11.49 4.42
C PHE B 109 -19.35 10.66 3.28
N GLU B 110 -19.16 9.37 3.36
CA GLU B 110 -19.78 8.49 2.35
C GLU B 110 -20.92 7.71 2.99
N PRO B 111 -22.17 8.00 2.58
CA PRO B 111 -23.32 7.28 3.14
C PRO B 111 -23.18 5.77 3.00
N ILE B 112 -23.42 5.05 4.09
CA ILE B 112 -23.39 3.57 4.11
C ILE B 112 -24.61 3.10 4.87
N ASN B 113 -25.25 2.02 4.43
CA ASN B 113 -26.36 1.49 5.20
C ASN B 113 -26.29 -0.01 5.24
N GLN B 114 -27.34 -0.66 5.76
CA GLN B 114 -27.30 -2.11 5.97
C GLN B 114 -27.10 -2.88 4.65
N HIS B 115 -27.53 -2.30 3.53
CA HIS B 115 -27.39 -2.96 2.23
C HIS B 115 -26.05 -2.77 1.51
N THR B 116 -25.29 -1.78 1.96
CA THR B 116 -23.98 -1.46 1.37
C THR B 116 -23.06 -2.69 1.32
N GLY B 117 -22.59 -3.01 0.12
CA GLY B 117 -21.60 -4.08 -0.06
C GLY B 117 -22.25 -5.45 -0.08
N THR B 118 -23.58 -5.51 0.04
CA THR B 118 -24.27 -6.80 -0.06
C THR B 118 -24.77 -7.00 -1.48
N ASP B 119 -25.37 -8.14 -1.78
CA ASP B 119 -25.88 -8.35 -3.13
C ASP B 119 -26.99 -7.34 -3.50
N LYS B 120 -27.57 -6.64 -2.51
CA LYS B 120 -28.57 -5.59 -2.78
C LYS B 120 -27.96 -4.26 -3.22
N ASP B 121 -26.69 -4.05 -2.90
CA ASP B 121 -26.02 -2.78 -3.26
C ASP B 121 -24.51 -2.96 -3.21
N PRO B 122 -23.97 -3.78 -4.14
CA PRO B 122 -22.57 -4.19 -4.03
C PRO B 122 -21.57 -3.07 -4.26
N PHE B 123 -22.00 -1.98 -4.90
CA PHE B 123 -21.15 -0.79 -5.11
C PHE B 123 -21.61 0.43 -4.35
N ASN B 124 -22.52 0.24 -3.41
CA ASN B 124 -22.95 1.35 -2.54
C ASN B 124 -23.47 2.55 -3.32
N THR B 125 -24.33 2.24 -4.29
CA THR B 125 -24.90 3.29 -5.13
C THR B 125 -26.27 3.74 -4.58
N HIS B 126 -26.84 2.99 -3.64
CA HIS B 126 -28.20 3.33 -3.16
C HIS B 126 -28.30 4.04 -1.83
N ALA B 127 -27.28 3.87 -0.99
CA ALA B 127 -27.35 4.34 0.39
C ALA B 127 -27.51 5.83 0.53
N ILE B 128 -26.97 6.59 -0.43
CA ILE B 128 -27.05 8.05 -0.36
C ILE B 128 -28.50 8.60 -0.22
N TRP B 129 -29.46 7.97 -0.87
CA TRP B 129 -30.85 8.43 -0.81
C TRP B 129 -31.38 8.43 0.63
N GLU B 130 -31.06 7.38 1.41
CA GLU B 130 -31.44 7.31 2.82
C GLU B 130 -30.81 8.43 3.64
N SER B 131 -29.52 8.70 3.41
CA SER B 131 -28.89 9.83 4.11
C SER B 131 -29.55 11.15 3.74
N LEU B 132 -29.90 11.33 2.45
CA LEU B 132 -30.57 12.56 2.02
C LEU B 132 -31.94 12.69 2.68
N GLN B 133 -32.63 11.56 2.81
CA GLN B 133 -33.93 11.54 3.49
C GLN B 133 -33.83 12.13 4.90
N HIS B 134 -32.75 11.82 5.62
CA HIS B 134 -32.57 12.35 6.99
C HIS B 134 -32.14 13.81 7.09
N LEU B 135 -31.50 14.33 6.05
CA LEU B 135 -31.01 15.71 6.04
C LEU B 135 -32.01 16.71 5.44
N LEU B 136 -32.75 16.30 4.41
CA LEU B 136 -33.70 17.18 3.73
C LEU B 136 -34.61 18.01 4.67
N PRO B 137 -35.25 17.36 5.67
CA PRO B 137 -36.15 18.14 6.54
C PRO B 137 -35.47 19.26 7.34
N LEU B 138 -34.15 19.17 7.52
CA LEU B 138 -33.41 20.13 8.33
CA LEU B 138 -33.39 20.11 8.32
C LEU B 138 -32.98 21.37 7.55
N GLU B 139 -32.99 21.32 6.22
CA GLU B 139 -32.49 22.49 5.48
C GLU B 139 -33.30 22.74 4.21
N LYS B 140 -34.18 23.75 4.28
CA LYS B 140 -35.17 24.03 3.23
C LYS B 140 -34.56 24.36 1.87
N SER B 141 -33.33 24.85 1.87
CA SER B 141 -32.71 25.24 0.61
C SER B 141 -32.02 24.09 -0.13
N ILE B 142 -32.02 22.87 0.44
CA ILE B 142 -31.52 21.72 -0.32
C ILE B 142 -32.38 21.53 -1.58
N ASP B 143 -31.74 21.40 -2.73
CA ASP B 143 -32.43 21.07 -3.97
C ASP B 143 -31.75 19.86 -4.63
N LEU B 144 -32.53 18.95 -5.18
CA LEU B 144 -31.95 17.72 -5.74
C LEU B 144 -32.03 17.60 -7.26
N GLU B 145 -32.43 18.66 -7.95
CA GLU B 145 -32.58 18.56 -9.41
C GLU B 145 -31.26 18.18 -10.10
N TRP B 146 -30.18 18.92 -9.83
CA TRP B 146 -28.89 18.57 -10.48
C TRP B 146 -28.30 17.26 -9.94
N PHE B 147 -28.47 17.04 -8.63
CA PHE B 147 -28.07 15.78 -8.02
C PHE B 147 -28.67 14.57 -8.78
N ARG B 148 -29.98 14.60 -9.02
CA ARG B 148 -30.65 13.47 -9.67
CA ARG B 148 -30.68 13.49 -9.69
C ARG B 148 -30.12 13.25 -11.08
N HIS B 149 -29.85 14.35 -11.78
CA HIS B 149 -29.27 14.33 -13.12
C HIS B 149 -27.87 13.70 -13.08
N PHE B 150 -26.99 14.22 -12.23
CA PHE B 150 -25.63 13.69 -12.20
C PHE B 150 -25.58 12.27 -11.66
N LYS B 151 -26.42 11.96 -10.67
CA LYS B 151 -26.41 10.63 -10.10
C LYS B 151 -26.88 9.61 -11.14
N HIS B 152 -27.88 9.99 -11.92
CA HIS B 152 -28.34 9.10 -13.01
C HIS B 152 -27.26 8.83 -14.05
N ASP B 153 -26.56 9.88 -14.46
CA ASP B 153 -25.61 9.77 -15.60
C ASP B 153 -24.26 9.14 -15.21
N LEU B 154 -23.86 9.34 -13.96
CA LEU B 154 -22.47 9.11 -13.56
C LEU B 154 -22.27 8.06 -12.47
N THR B 155 -23.35 7.49 -11.93
CA THR B 155 -23.17 6.38 -11.00
C THR B 155 -23.84 5.17 -11.50
N LEU B 156 -23.41 4.03 -10.95
CA LEU B 156 -23.98 2.75 -11.38
C LEU B 156 -25.45 2.62 -11.01
N ASN B 157 -26.24 2.00 -11.89
CA ASN B 157 -27.61 1.68 -11.52
C ASN B 157 -27.66 0.22 -11.06
N SER B 158 -28.85 -0.27 -10.69
CA SER B 158 -29.00 -1.68 -10.19
C SER B 158 -28.53 -2.74 -11.17
N GLU B 159 -28.94 -2.63 -12.44
CA GLU B 159 -28.52 -3.56 -13.47
C GLU B 159 -26.99 -3.59 -13.70
N GLU B 160 -26.39 -2.41 -13.81
CA GLU B 160 -24.94 -2.32 -13.99
C GLU B 160 -24.22 -2.86 -12.76
N SER B 161 -24.75 -2.57 -11.58
CA SER B 161 -24.19 -3.07 -10.32
C SER B 161 -24.18 -4.59 -10.30
N ALA B 162 -25.31 -5.19 -10.64
CA ALA B 162 -25.39 -6.65 -10.71
C ALA B 162 -24.43 -7.24 -11.77
N PHE B 163 -24.29 -6.55 -12.91
CA PHE B 163 -23.36 -6.97 -13.96
C PHE B 163 -21.92 -6.97 -13.48
N LEU B 164 -21.48 -5.87 -12.85
CA LEU B 164 -20.11 -5.77 -12.34
C LEU B 164 -19.81 -6.72 -11.19
N ALA B 165 -20.82 -7.01 -10.37
CA ALA B 165 -20.66 -7.96 -9.27
C ALA B 165 -20.41 -9.38 -9.81
N HIS B 166 -21.02 -9.70 -10.94
CA HIS B 166 -20.88 -11.03 -11.54
C HIS B 166 -19.67 -11.10 -12.47
N ASN B 167 -19.04 -9.95 -12.69
CA ASN B 167 -17.83 -9.86 -13.51
C ASN B 167 -16.73 -9.09 -12.77
N ASP B 168 -16.43 -9.53 -11.55
CA ASP B 168 -15.57 -8.77 -10.63
C ASP B 168 -14.12 -8.56 -11.10
N ARG B 169 -13.66 -9.38 -12.05
CA ARG B 169 -12.36 -9.18 -12.70
C ARG B 169 -12.24 -7.77 -13.30
N LEU B 170 -13.39 -7.17 -13.63
CA LEU B 170 -13.41 -5.81 -14.21
C LEU B 170 -13.16 -4.75 -13.15
N VAL B 171 -13.36 -5.13 -11.90
CA VAL B 171 -13.27 -4.19 -10.79
C VAL B 171 -11.97 -4.41 -10.01
N GLY B 172 -11.66 -5.65 -9.65
N GLY B 172 -11.77 -5.67 -9.62
CA GLY B 172 -10.35 -6.02 -9.05
CA GLY B 172 -10.74 -6.10 -8.70
C GLY B 172 -9.51 -4.94 -8.38
C GLY B 172 -10.67 -5.19 -7.50
N GLY B 173 -9.44 -5.00 -7.05
CA GLY B 173 -8.90 -3.99 -6.16
C GLY B 173 -9.48 -2.57 -6.06
N THR B 174 -10.32 -2.19 -7.01
CA THR B 174 -10.73 -0.77 -7.15
C THR B 174 -11.64 -0.33 -5.99
N ILE B 175 -11.39 0.86 -5.43
CA ILE B 175 -12.28 1.39 -4.40
C ILE B 175 -13.60 1.76 -5.08
N ARG B 176 -14.71 1.33 -4.47
CA ARG B 176 -15.99 1.27 -5.20
C ARG B 176 -16.89 2.49 -5.01
N THR B 177 -16.50 3.46 -4.17
CA THR B 177 -17.33 4.62 -3.88
C THR B 177 -17.96 5.24 -5.15
N GLN B 178 -19.28 5.41 -5.12
CA GLN B 178 -20.04 6.11 -6.17
C GLN B 178 -20.22 7.60 -5.86
N ASN B 179 -20.49 7.91 -4.58
CA ASN B 179 -20.84 9.28 -4.26
C ASN B 179 -20.69 9.55 -2.76
N LYS B 180 -20.30 10.78 -2.45
CA LYS B 180 -20.16 11.28 -1.08
CA LYS B 180 -20.25 11.24 -1.06
C LYS B 180 -21.01 12.54 -0.93
N LEU B 181 -21.24 12.95 0.33
CA LEU B 181 -21.89 14.23 0.66
C LEU B 181 -20.95 15.06 1.49
N ALA B 182 -21.08 16.38 1.37
CA ALA B 182 -20.30 17.29 2.19
C ALA B 182 -21.21 18.34 2.75
N LEU B 183 -20.94 18.74 3.99
CA LEU B 183 -21.70 19.84 4.59
C LEU B 183 -20.78 20.96 4.96
N ASP B 184 -21.11 22.16 4.48
CA ASP B 184 -20.41 23.38 4.91
CA ASP B 184 -20.42 23.39 4.89
C ASP B 184 -21.27 24.02 5.99
N LEU B 185 -20.65 24.29 7.14
CA LEU B 185 -21.38 24.76 8.33
C LEU B 185 -21.22 26.26 8.46
N LYS B 186 -22.28 26.99 8.14
CA LYS B 186 -22.20 28.45 8.17
C LYS B 186 -23.51 29.08 8.60
N ASP B 187 -23.36 30.08 9.48
CA ASP B 187 -24.47 30.88 10.00
CA ASP B 187 -24.46 30.89 10.03
C ASP B 187 -25.73 30.12 10.41
N GLY B 188 -25.54 29.11 11.26
CA GLY B 188 -26.62 28.28 11.80
C GLY B 188 -27.32 27.40 10.81
N ARG B 189 -26.77 27.29 9.59
CA ARG B 189 -27.35 26.42 8.59
C ARG B 189 -26.24 25.57 7.99
N PHE B 190 -26.60 24.76 7.01
CA PHE B 190 -25.58 24.06 6.27
C PHE B 190 -25.88 24.06 4.77
N ALA B 191 -24.82 24.05 3.96
CA ALA B 191 -24.95 23.89 2.50
C ALA B 191 -24.48 22.50 2.21
N LEU B 192 -25.23 21.79 1.36
CA LEU B 192 -24.97 20.40 1.06
C LEU B 192 -24.38 20.31 -0.35
N LYS B 193 -23.38 19.43 -0.50
CA LYS B 193 -22.61 19.23 -1.74
C LYS B 193 -22.53 17.73 -1.97
N THR B 194 -22.43 17.34 -3.24
CA THR B 194 -22.11 15.95 -3.54
C THR B 194 -20.82 15.86 -4.39
N TYR B 195 -20.12 14.72 -4.30
CA TYR B 195 -18.97 14.38 -5.15
C TYR B 195 -19.36 13.05 -5.74
N ILE B 196 -19.24 12.95 -7.05
CA ILE B 196 -19.66 11.77 -7.77
C ILE B 196 -18.49 11.20 -8.59
N TYR B 197 -18.30 9.88 -8.47
CA TYR B 197 -17.14 9.13 -9.00
C TYR B 197 -17.57 8.21 -10.14
N PRO B 198 -17.41 8.66 -11.40
CA PRO B 198 -17.87 7.87 -12.55
C PRO B 198 -16.96 6.74 -13.02
N ALA B 199 -15.88 6.46 -12.30
CA ALA B 199 -14.94 5.43 -12.79
C ALA B 199 -15.58 4.08 -13.14
N LEU B 200 -16.42 3.56 -12.24
CA LEU B 200 -17.04 2.25 -12.51
C LEU B 200 -18.17 2.36 -13.54
N LYS B 201 -18.85 3.50 -13.58
CA LYS B 201 -19.81 3.77 -14.68
C LYS B 201 -19.11 3.65 -16.05
N ALA B 202 -17.90 4.22 -16.13
CA ALA B 202 -17.09 4.14 -17.35
C ALA B 202 -16.77 2.71 -17.73
N VAL B 203 -16.47 1.87 -16.74
CA VAL B 203 -16.20 0.46 -17.01
C VAL B 203 -17.40 -0.22 -17.69
N VAL B 204 -18.59 -0.07 -17.10
CA VAL B 204 -19.79 -0.75 -17.59
CA VAL B 204 -19.79 -0.76 -17.62
C VAL B 204 -20.33 -0.16 -18.90
N THR B 205 -20.19 1.15 -19.08
CA THR B 205 -20.76 1.77 -20.29
C THR B 205 -19.81 1.77 -21.48
N GLY B 206 -18.53 1.49 -21.23
CA GLY B 206 -17.50 1.63 -22.27
C GLY B 206 -17.11 3.08 -22.59
N LYS B 207 -17.66 4.04 -21.86
CA LYS B 207 -17.34 5.47 -22.06
C LYS B 207 -16.05 5.77 -21.29
N THR B 208 -15.33 6.81 -21.69
CA THR B 208 -14.27 7.31 -20.80
C THR B 208 -14.94 8.18 -19.74
N ILE B 209 -14.21 8.48 -18.66
CA ILE B 209 -14.72 9.40 -17.65
C ILE B 209 -14.96 10.78 -18.27
N HIS B 210 -14.03 11.21 -19.11
CA HIS B 210 -14.21 12.44 -19.88
C HIS B 210 -15.56 12.46 -20.63
N GLU B 211 -15.83 11.42 -21.42
CA GLU B 211 -17.10 11.37 -22.15
C GLU B 211 -18.30 11.46 -21.22
N LEU B 212 -18.26 10.72 -20.12
CA LEU B 212 -19.38 10.69 -19.15
C LEU B 212 -19.64 12.06 -18.55
N VAL B 213 -18.57 12.67 -18.06
CA VAL B 213 -18.67 13.95 -17.34
C VAL B 213 -19.05 15.09 -18.28
N PHE B 214 -18.32 15.21 -19.37
CA PHE B 214 -18.61 16.29 -20.33
C PHE B 214 -19.96 16.08 -21.01
N GLY B 215 -20.32 14.82 -21.32
CA GLY B 215 -21.64 14.54 -21.90
C GLY B 215 -22.78 14.92 -20.97
N SER B 216 -22.63 14.59 -19.68
CA SER B 216 -23.66 14.84 -18.69
C SER B 216 -23.81 16.36 -18.46
N VAL B 217 -22.70 17.08 -18.37
CA VAL B 217 -22.82 18.53 -18.21
C VAL B 217 -23.43 19.18 -19.48
N ARG B 218 -23.04 18.70 -20.67
CA ARG B 218 -23.65 19.20 -21.91
C ARG B 218 -25.17 18.94 -21.93
N ARG B 219 -25.58 17.81 -21.37
CA ARG B 219 -27.00 17.50 -21.35
C ARG B 219 -27.75 18.44 -20.41
N LEU B 220 -27.12 18.78 -19.29
CA LEU B 220 -27.69 19.71 -18.33
C LEU B 220 -27.75 21.10 -18.93
N ALA B 221 -26.74 21.44 -19.75
CA ALA B 221 -26.63 22.76 -20.37
C ALA B 221 -27.77 23.09 -21.35
N VAL B 222 -28.48 22.07 -21.82
CA VAL B 222 -29.69 22.32 -22.61
C VAL B 222 -30.65 23.18 -21.79
N ARG B 223 -30.81 22.86 -20.51
CA ARG B 223 -31.72 23.58 -19.64
C ARG B 223 -31.03 24.76 -18.95
N GLU B 224 -29.72 24.67 -18.77
CA GLU B 224 -28.95 25.78 -18.19
C GLU B 224 -27.77 26.17 -19.08
N PRO B 225 -28.03 26.97 -20.13
CA PRO B 225 -27.04 27.31 -21.16
C PRO B 225 -25.85 28.13 -20.65
N ARG B 226 -25.97 28.75 -19.48
CA ARG B 226 -24.92 29.61 -18.93
C ARG B 226 -23.67 28.83 -18.50
N ILE B 227 -23.80 27.52 -18.25
CA ILE B 227 -22.62 26.70 -17.95
C ILE B 227 -21.80 26.31 -19.20
N LEU B 228 -22.34 26.51 -20.40
CA LEU B 228 -21.67 26.08 -21.64
C LEU B 228 -20.32 26.74 -21.95
N PRO B 229 -20.25 28.09 -21.90
CA PRO B 229 -18.95 28.71 -22.23
C PRO B 229 -17.75 28.20 -21.40
N PRO B 230 -17.85 28.18 -20.03
CA PRO B 230 -16.69 27.65 -19.30
C PRO B 230 -16.43 26.16 -19.54
N LEU B 231 -17.48 25.39 -19.79
CA LEU B 231 -17.31 23.96 -20.10
C LEU B 231 -16.52 23.79 -21.39
N ASN B 232 -16.91 24.56 -22.41
CA ASN B 232 -16.23 24.52 -23.71
C ASN B 232 -14.75 24.86 -23.60
N MET B 233 -14.46 25.90 -22.81
CA MET B 233 -13.08 26.32 -22.65
C MET B 233 -12.23 25.27 -21.93
N LEU B 234 -12.81 24.69 -20.88
CA LEU B 234 -12.18 23.62 -20.15
C LEU B 234 -11.88 22.44 -21.08
N GLU B 235 -12.87 22.04 -21.89
CA GLU B 235 -12.68 20.91 -22.78
C GLU B 235 -11.60 21.19 -23.82
N GLU B 236 -11.55 22.43 -24.31
CA GLU B 236 -10.54 22.88 -25.28
C GLU B 236 -9.13 22.74 -24.70
N TYR B 237 -8.99 23.15 -23.44
CA TYR B 237 -7.74 23.03 -22.72
C TYR B 237 -7.34 21.58 -22.56
N ILE B 238 -8.29 20.74 -22.15
CA ILE B 238 -8.00 19.30 -21.99
C ILE B 238 -7.59 18.67 -23.34
N ARG B 239 -8.31 19.02 -24.39
CA ARG B 239 -8.04 18.46 -25.71
C ARG B 239 -6.63 18.88 -26.17
N SER B 240 -6.26 20.13 -25.89
CA SER B 240 -4.94 20.66 -26.23
C SER B 240 -3.78 19.90 -25.56
N ARG B 241 -4.06 19.17 -24.49
CA ARG B 241 -3.04 18.39 -23.78
C ARG B 241 -2.74 17.04 -24.44
N GLY B 242 -3.64 16.60 -25.33
CA GLY B 242 -3.43 15.40 -26.13
C GLY B 242 -3.73 14.08 -25.43
N SER B 243 -3.45 13.00 -26.14
CA SER B 243 -3.82 11.67 -25.66
C SER B 243 -2.83 11.07 -24.65
N LYS B 244 -1.66 11.68 -24.51
CA LYS B 244 -0.68 11.18 -23.55
C LYS B 244 -0.59 12.08 -22.32
N SER B 245 -1.56 12.98 -22.15
CA SER B 245 -1.62 13.91 -21.01
C SER B 245 -1.48 13.25 -19.64
N THR B 246 -0.76 13.92 -18.73
CA THR B 246 -0.58 13.40 -17.39
C THR B 246 -1.77 13.74 -16.49
N ALA B 247 -2.68 14.57 -17.00
CA ALA B 247 -3.90 14.98 -16.29
C ALA B 247 -5.12 14.38 -16.96
N SER B 248 -6.04 13.83 -16.14
CA SER B 248 -7.26 13.20 -16.64
CA SER B 248 -7.25 13.16 -16.62
C SER B 248 -8.46 13.48 -15.72
N PRO B 249 -9.68 13.62 -16.31
CA PRO B 249 -10.86 13.84 -15.45
C PRO B 249 -11.18 12.62 -14.62
N ARG B 250 -11.53 12.85 -13.35
CA ARG B 250 -11.78 11.74 -12.42
C ARG B 250 -13.13 11.78 -11.71
N LEU B 251 -13.65 12.98 -11.45
CA LEU B 251 -14.92 13.10 -10.71
C LEU B 251 -15.55 14.47 -10.90
N VAL B 252 -16.77 14.63 -10.38
CA VAL B 252 -17.45 15.93 -10.41
CA VAL B 252 -17.50 15.89 -10.45
C VAL B 252 -18.04 16.20 -9.05
N SER B 253 -18.26 17.47 -8.76
CA SER B 253 -19.04 17.80 -7.59
C SER B 253 -20.04 18.93 -7.95
N CYS B 254 -21.11 19.04 -7.16
CA CYS B 254 -21.97 20.21 -7.29
C CYS B 254 -22.68 20.47 -5.98
N ASP B 255 -23.14 21.71 -5.83
CA ASP B 255 -23.97 22.08 -4.71
C ASP B 255 -25.34 21.46 -4.90
N LEU B 256 -25.97 21.09 -3.79
CA LEU B 256 -27.36 20.63 -3.80
C LEU B 256 -28.26 21.80 -3.40
N THR B 257 -28.43 22.71 -4.33
CA THR B 257 -29.22 23.91 -4.08
C THR B 257 -29.84 24.38 -5.39
N SER B 258 -30.60 25.49 -5.32
CA SER B 258 -31.27 25.98 -6.52
C SER B 258 -30.27 26.05 -7.69
N PRO B 259 -30.68 25.58 -8.87
CA PRO B 259 -29.78 25.56 -10.03
C PRO B 259 -29.17 26.92 -10.34
N ALA B 260 -29.90 28.00 -10.07
CA ALA B 260 -29.42 29.35 -10.33
C ALA B 260 -28.18 29.69 -9.48
N LYS B 261 -28.07 29.04 -8.32
CA LYS B 261 -26.98 29.28 -7.37
C LYS B 261 -25.92 28.15 -7.33
N SER B 262 -26.15 27.05 -8.03
CA SER B 262 -25.29 25.88 -7.91
CA SER B 262 -25.25 25.90 -7.88
C SER B 262 -24.04 25.95 -8.79
N ARG B 263 -22.90 25.54 -8.25
CA ARG B 263 -21.66 25.46 -9.00
C ARG B 263 -21.33 23.99 -9.25
N ILE B 264 -20.98 23.70 -10.48
CA ILE B 264 -20.43 22.41 -10.87
C ILE B 264 -18.90 22.57 -10.89
N LYS B 265 -18.22 21.58 -10.31
CA LYS B 265 -16.76 21.47 -10.44
C LYS B 265 -16.37 20.17 -11.12
N ILE B 266 -15.42 20.26 -12.04
CA ILE B 266 -14.89 19.10 -12.70
C ILE B 266 -13.42 18.92 -12.26
N TYR B 267 -13.08 17.70 -11.84
CA TYR B 267 -11.78 17.41 -11.19
C TYR B 267 -10.86 16.63 -12.12
N LEU B 268 -9.63 17.12 -12.21
CA LEU B 268 -8.57 16.44 -12.96
CA LEU B 268 -8.58 16.44 -12.96
C LEU B 268 -7.53 15.89 -11.99
N LEU B 269 -7.17 14.62 -12.15
CA LEU B 269 -6.02 14.05 -11.45
C LEU B 269 -4.78 14.38 -12.30
N GLU B 270 -3.74 14.91 -11.67
CA GLU B 270 -2.51 15.29 -12.38
C GLU B 270 -1.34 14.45 -11.84
N GLN B 271 -0.93 13.41 -12.59
CA GLN B 271 0.17 12.54 -12.14
C GLN B 271 1.55 13.24 -12.04
N MET B 272 1.77 14.33 -12.77
CA MET B 272 3.04 15.05 -12.70
C MET B 272 3.02 16.05 -11.55
N VAL B 273 3.82 15.81 -10.54
CA VAL B 273 3.90 16.75 -9.41
C VAL B 273 5.06 17.69 -9.73
N SER B 274 4.71 18.87 -10.21
CA SER B 274 5.71 19.90 -10.50
C SER B 274 5.04 21.27 -10.46
N LEU B 275 5.82 22.31 -10.17
CA LEU B 275 5.28 23.67 -10.18
C LEU B 275 4.78 24.01 -11.59
N GLU B 276 5.50 23.52 -12.60
CA GLU B 276 5.11 23.70 -14.00
C GLU B 276 3.69 23.15 -14.28
N ALA B 277 3.46 21.91 -13.83
CA ALA B 277 2.16 21.25 -13.97
C ALA B 277 1.04 22.01 -13.25
N MET B 278 1.33 22.46 -12.02
CA MET B 278 0.41 23.26 -11.22
CA MET B 278 0.34 23.22 -11.29
C MET B 278 0.04 24.57 -11.92
N GLU B 279 1.06 25.25 -12.45
CA GLU B 279 0.82 26.53 -13.10
C GLU B 279 -0.01 26.39 -14.36
N ASP B 280 0.25 25.34 -15.12
CA ASP B 280 -0.49 25.07 -16.35
C ASP B 280 -1.98 24.83 -16.06
N LEU B 281 -2.29 24.11 -14.99
CA LEU B 281 -3.70 23.95 -14.55
C LEU B 281 -4.29 25.31 -14.11
N TRP B 282 -3.53 26.06 -13.30
CA TRP B 282 -3.94 27.40 -12.83
C TRP B 282 -4.32 28.38 -13.96
N THR B 283 -3.54 28.38 -15.04
CA THR B 283 -3.77 29.31 -16.15
C THR B 283 -4.52 28.68 -17.33
N LEU B 284 -4.91 27.40 -17.19
CA LEU B 284 -5.50 26.66 -18.30
C LEU B 284 -4.62 26.78 -19.57
N GLY B 285 -3.34 26.47 -19.39
CA GLY B 285 -2.36 26.49 -20.48
C GLY B 285 -2.14 27.87 -21.09
N GLY B 286 -2.16 28.89 -20.25
CA GLY B 286 -1.91 30.27 -20.70
C GLY B 286 -3.14 31.05 -21.11
N ARG B 287 -4.32 30.45 -20.96
CA ARG B 287 -5.59 31.11 -21.37
C ARG B 287 -6.03 32.18 -20.38
N ARG B 288 -5.71 31.98 -19.10
CA ARG B 288 -5.97 32.98 -18.07
C ARG B 288 -4.72 33.81 -17.84
N ARG B 289 -4.77 35.09 -18.21
CA ARG B 289 -3.62 35.98 -18.05
C ARG B 289 -4.00 37.31 -17.39
N ASP B 290 -5.21 37.38 -16.86
CA ASP B 290 -5.72 38.59 -16.21
C ASP B 290 -5.03 38.85 -14.87
N ALA B 291 -5.15 40.07 -14.37
CA ALA B 291 -4.52 40.49 -13.11
C ALA B 291 -4.85 39.55 -11.95
N SER B 292 -6.12 39.22 -11.80
CA SER B 292 -6.57 38.38 -10.69
C SER B 292 -5.95 36.99 -10.74
N THR B 293 -5.88 36.39 -11.93
CA THR B 293 -5.21 35.09 -12.12
C THR B 293 -3.73 35.17 -11.71
N LEU B 294 -3.08 36.27 -12.02
CA LEU B 294 -1.64 36.40 -11.74
C LEU B 294 -1.35 36.64 -10.27
N GLU B 295 -2.22 37.40 -9.58
CA GLU B 295 -2.13 37.58 -8.14
C GLU B 295 -2.25 36.21 -7.48
N GLY B 296 -3.17 35.41 -7.99
CA GLY B 296 -3.41 34.10 -7.41
C GLY B 296 -2.22 33.20 -7.63
N LEU B 297 -1.62 33.34 -8.81
CA LEU B 297 -0.48 32.53 -9.25
C LEU B 297 0.74 32.79 -8.36
N SER B 298 0.92 34.06 -8.00
CA SER B 298 1.93 34.49 -7.05
CA SER B 298 1.94 34.47 -7.05
C SER B 298 1.85 33.68 -5.74
N LEU B 299 0.64 33.53 -5.22
CA LEU B 299 0.40 32.78 -4.00
C LEU B 299 0.54 31.26 -4.16
N VAL B 300 0.11 30.74 -5.31
CA VAL B 300 0.33 29.33 -5.67
C VAL B 300 1.84 29.02 -5.61
N ARG B 301 2.65 29.91 -6.18
CA ARG B 301 4.10 29.74 -6.21
C ARG B 301 4.70 29.79 -4.80
N GLU B 302 4.25 30.74 -3.99
CA GLU B 302 4.68 30.83 -2.61
C GLU B 302 4.35 29.53 -1.85
N LEU B 303 3.11 29.07 -1.97
CA LEU B 303 2.72 27.78 -1.36
C LEU B 303 3.56 26.61 -1.86
N TRP B 304 3.76 26.52 -3.17
CA TRP B 304 4.66 25.51 -3.72
C TRP B 304 6.04 25.53 -3.05
N ASP B 305 6.63 26.72 -2.96
CA ASP B 305 7.96 26.89 -2.36
C ASP B 305 7.99 26.51 -0.87
N LEU B 306 6.92 26.82 -0.14
CA LEU B 306 6.87 26.53 1.30
C LEU B 306 6.61 25.05 1.60
N ILE B 307 5.74 24.43 0.81
CA ILE B 307 5.27 23.06 1.09
C ILE B 307 6.31 22.03 0.68
N GLN B 308 7.03 22.32 -0.41
CA GLN B 308 8.08 21.46 -0.92
CA GLN B 308 8.08 21.46 -0.92
C GLN B 308 7.61 20.03 -1.20
N LEU B 309 6.56 19.92 -2.02
CA LEU B 309 6.13 18.60 -2.46
C LEU B 309 7.29 17.91 -3.19
N SER B 310 7.34 16.60 -3.09
CA SER B 310 8.32 15.78 -3.81
C SER B 310 7.95 15.74 -5.31
N PRO B 311 8.79 16.32 -6.18
CA PRO B 311 8.40 16.43 -7.59
C PRO B 311 8.55 15.14 -8.39
N GLY B 312 7.83 15.06 -9.51
CA GLY B 312 8.02 13.98 -10.46
C GLY B 312 6.70 13.28 -10.71
N LEU B 313 6.71 12.38 -11.68
CA LEU B 313 5.51 11.56 -11.92
C LEU B 313 5.23 10.62 -10.73
N LYS B 314 3.96 10.52 -10.35
CA LYS B 314 3.53 9.65 -9.26
C LYS B 314 2.53 8.65 -9.77
N SER B 315 2.71 7.40 -9.37
CA SER B 315 1.76 6.33 -9.68
C SER B 315 0.56 6.40 -8.77
N TYR B 316 -0.50 5.72 -9.16
CA TYR B 316 -1.60 5.46 -8.24
C TYR B 316 -1.05 4.61 -7.09
N PRO B 317 -1.51 4.88 -5.86
CA PRO B 317 -1.02 4.11 -4.73
C PRO B 317 -1.85 2.84 -4.48
N ALA B 318 -1.52 2.13 -3.41
CA ALA B 318 -2.35 0.99 -2.97
C ALA B 318 -3.80 1.49 -2.81
N PRO B 319 -4.80 0.64 -3.11
CA PRO B 319 -6.20 1.12 -3.04
C PRO B 319 -6.55 1.74 -1.69
N TYR B 320 -6.10 1.08 -0.62
CA TYR B 320 -6.16 1.69 0.71
C TYR B 320 -5.09 1.08 1.60
N LEU B 321 -4.91 1.67 2.77
CA LEU B 321 -3.97 1.18 3.77
C LEU B 321 -4.75 0.60 4.98
N PRO B 322 -4.22 -0.46 5.61
CA PRO B 322 -4.77 -0.91 6.89
C PRO B 322 -4.64 0.17 7.95
N LEU B 323 -5.60 0.21 8.86
CA LEU B 323 -5.52 1.18 9.97
C LEU B 323 -4.23 0.87 10.76
N GLY B 324 -3.58 1.94 11.24
CA GLY B 324 -2.37 1.76 12.03
C GLY B 324 -1.08 1.81 11.23
N VAL B 325 -1.16 1.68 9.90
CA VAL B 325 0.04 1.59 9.08
C VAL B 325 0.42 2.96 8.56
N ILE B 326 1.63 3.41 8.90
CA ILE B 326 2.04 4.71 8.39
C ILE B 326 2.46 4.59 6.91
N PRO B 327 2.09 5.61 6.10
CA PRO B 327 2.26 5.49 4.65
C PRO B 327 3.70 5.68 4.20
N ASP B 328 3.99 5.11 3.04
CA ASP B 328 5.23 5.32 2.33
CA ASP B 328 5.25 5.31 2.31
C ASP B 328 4.85 5.65 0.89
N GLU B 329 4.34 6.83 0.67
CA GLU B 329 3.86 7.12 -0.67
C GLU B 329 3.85 8.63 -0.83
N ARG B 330 3.91 9.06 -2.08
CA ARG B 330 3.70 10.45 -2.46
C ARG B 330 2.68 10.39 -3.59
N LEU B 331 1.73 11.31 -3.59
CA LEU B 331 0.56 11.18 -4.44
C LEU B 331 0.48 12.22 -5.57
N PRO B 332 -0.24 11.88 -6.66
CA PRO B 332 -0.57 12.85 -7.70
C PRO B 332 -1.20 14.13 -7.17
N LEU B 333 -1.02 15.21 -7.93
CA LEU B 333 -1.77 16.44 -7.70
C LEU B 333 -3.22 16.25 -8.16
N MET B 334 -4.05 17.20 -7.75
CA MET B 334 -5.39 17.32 -8.29
C MET B 334 -5.72 18.80 -8.47
N ALA B 335 -6.62 19.08 -9.42
CA ALA B 335 -7.17 20.43 -9.57
C ALA B 335 -8.64 20.27 -9.98
N ASN B 336 -9.50 21.19 -9.56
CA ASN B 336 -10.86 21.20 -10.14
C ASN B 336 -11.14 22.55 -10.81
N PHE B 337 -12.18 22.57 -11.63
CA PHE B 337 -12.56 23.76 -12.38
C PHE B 337 -14.05 24.01 -12.18
N THR B 338 -14.36 25.18 -11.64
CA THR B 338 -15.75 25.61 -11.40
C THR B 338 -16.32 26.25 -12.67
N LEU B 339 -17.53 25.83 -13.03
CA LEU B 339 -18.29 26.39 -14.14
C LEU B 339 -19.29 27.42 -13.57
N HIS B 340 -18.87 28.67 -13.45
CA HIS B 340 -19.72 29.74 -12.97
C HIS B 340 -20.69 30.13 -14.07
N GLN B 341 -21.91 30.47 -13.66
CA GLN B 341 -22.95 30.81 -14.62
C GLN B 341 -22.82 32.26 -15.06
N ASN B 342 -22.06 33.05 -14.29
CA ASN B 342 -21.84 34.47 -14.60
C ASN B 342 -20.40 34.82 -15.02
N ASP B 343 -19.63 33.80 -15.37
CA ASP B 343 -18.23 33.95 -15.79
C ASP B 343 -17.98 32.94 -16.89
N PRO B 344 -17.48 33.42 -18.05
CA PRO B 344 -17.19 32.51 -19.16
C PRO B 344 -15.95 31.66 -18.97
N VAL B 345 -15.09 32.01 -18.01
CA VAL B 345 -13.82 31.30 -17.84
C VAL B 345 -13.91 30.36 -16.62
N PRO B 346 -13.57 29.07 -16.80
CA PRO B 346 -13.62 28.15 -15.63
C PRO B 346 -12.61 28.60 -14.57
N GLU B 347 -12.98 28.47 -13.31
CA GLU B 347 -12.10 28.88 -12.21
C GLU B 347 -11.40 27.68 -11.61
N PRO B 348 -10.05 27.69 -11.57
CA PRO B 348 -9.37 26.54 -10.97
C PRO B 348 -9.23 26.61 -9.46
N GLN B 349 -9.22 25.43 -8.86
CA GLN B 349 -8.81 25.25 -7.49
C GLN B 349 -7.79 24.11 -7.50
N VAL B 350 -6.61 24.34 -6.91
CA VAL B 350 -5.54 23.34 -6.99
C VAL B 350 -5.33 22.67 -5.66
N TYR B 351 -4.91 21.40 -5.69
CA TYR B 351 -4.66 20.64 -4.49
C TYR B 351 -3.17 20.27 -4.34
N PHE B 352 -2.59 20.64 -3.21
CA PHE B 352 -1.22 20.23 -2.85
C PHE B 352 -1.42 18.95 -2.04
N THR B 353 -1.14 17.81 -2.67
CA THR B 353 -1.44 16.52 -2.04
C THR B 353 -0.29 16.13 -1.10
N THR B 354 -0.49 16.45 0.18
CA THR B 354 0.56 16.33 1.19
C THR B 354 0.57 14.97 1.89
N PHE B 355 -0.44 14.14 1.64
CA PHE B 355 -0.52 12.89 2.40
C PHE B 355 0.80 12.11 2.30
N GLY B 356 1.34 11.72 3.46
CA GLY B 356 2.56 10.92 3.48
C GLY B 356 3.74 11.76 3.90
N MET B 357 3.56 13.08 3.87
CA MET B 357 4.62 14.01 4.25
C MET B 357 4.58 14.31 5.72
N ASN B 358 5.72 14.72 6.27
CA ASN B 358 5.83 15.05 7.68
C ASN B 358 4.85 16.17 8.09
N ASP B 359 4.01 15.90 9.07
CA ASP B 359 2.91 16.82 9.36
C ASP B 359 3.37 18.08 10.03
N MET B 360 4.40 17.97 10.87
CA MET B 360 4.86 19.20 11.52
C MET B 360 5.50 20.17 10.52
N ALA B 361 6.21 19.61 9.54
CA ALA B 361 6.80 20.40 8.43
C ALA B 361 5.71 21.12 7.62
N VAL B 362 4.65 20.40 7.28
CA VAL B 362 3.50 21.00 6.57
C VAL B 362 2.82 22.07 7.46
N ALA B 363 2.63 21.77 8.73
CA ALA B 363 2.06 22.78 9.64
C ALA B 363 2.97 24.02 9.75
N ASP B 364 4.28 23.79 9.72
CA ASP B 364 5.25 24.92 9.73
C ASP B 364 5.08 25.80 8.48
N ALA B 365 4.92 25.15 7.32
CA ALA B 365 4.73 25.82 6.05
C ALA B 365 3.43 26.64 6.01
N LEU B 366 2.33 26.04 6.49
CA LEU B 366 1.05 26.73 6.58
C LEU B 366 1.14 27.92 7.52
N THR B 367 1.75 27.69 8.68
CA THR B 367 1.96 28.79 9.63
C THR B 367 2.67 29.99 9.00
N THR B 368 3.70 29.74 8.20
CA THR B 368 4.42 30.82 7.52
C THR B 368 3.52 31.53 6.51
N PHE B 369 2.76 30.75 5.73
CA PHE B 369 1.81 31.31 4.77
C PHE B 369 0.79 32.22 5.47
N PHE B 370 0.22 31.73 6.57
CA PHE B 370 -0.74 32.51 7.38
C PHE B 370 -0.12 33.80 7.91
N GLU B 371 1.09 33.70 8.46
CA GLU B 371 1.78 34.89 8.97
C GLU B 371 1.90 35.93 7.87
N ARG B 372 2.22 35.46 6.67
CA ARG B 372 2.48 36.33 5.52
C ARG B 372 1.22 37.04 4.98
N ARG B 373 0.08 36.39 5.11
CA ARG B 373 -1.22 37.00 4.78
C ARG B 373 -1.74 37.89 5.90
N GLY B 374 -0.99 38.00 6.99
CA GLY B 374 -1.45 38.74 8.18
C GLY B 374 -2.51 38.01 8.99
N TRP B 375 -2.65 36.71 8.78
CA TRP B 375 -3.62 35.89 9.55
C TRP B 375 -3.03 35.47 10.90
N SER B 376 -2.83 36.47 11.77
CA SER B 376 -2.14 36.32 13.06
C SER B 376 -2.72 35.30 14.04
N GLU B 377 -4.04 35.28 14.18
CA GLU B 377 -4.72 34.33 15.06
C GLU B 377 -4.52 32.90 14.55
N MET B 378 -4.87 32.70 13.29
CA MET B 378 -4.66 31.43 12.59
C MET B 378 -3.19 30.96 12.74
N ALA B 379 -2.22 31.84 12.48
CA ALA B 379 -0.80 31.45 12.56
C ALA B 379 -0.39 31.06 13.99
N ARG B 380 -0.82 31.84 14.97
CA ARG B 380 -0.50 31.60 16.38
C ARG B 380 -1.03 30.25 16.93
N THR B 381 -2.21 29.81 16.50
CA THR B 381 -2.85 28.63 17.09
C THR B 381 -2.90 27.37 16.23
N TYR B 382 -2.55 27.46 14.95
CA TYR B 382 -2.79 26.32 14.03
C TYR B 382 -2.13 25.02 14.54
N GLU B 383 -0.86 25.10 14.87
CA GLU B 383 -0.10 23.90 15.27
C GLU B 383 -0.53 23.33 16.61
N THR B 384 -0.73 24.20 17.60
CA THR B 384 -1.23 23.78 18.90
C THR B 384 -2.58 23.06 18.77
N THR B 385 -3.48 23.64 17.98
CA THR B 385 -4.80 23.01 17.77
C THR B 385 -4.66 21.66 17.09
N LEU B 386 -3.84 21.62 16.04
CA LEU B 386 -3.65 20.38 15.29
C LEU B 386 -3.12 19.29 16.23
N LYS B 387 -2.13 19.63 17.04
CA LYS B 387 -1.61 18.66 18.01
C LYS B 387 -2.68 18.20 19.01
N SER B 388 -3.55 19.13 19.44
CA SER B 388 -4.60 18.78 20.39
C SER B 388 -5.57 17.74 19.87
N TYR B 389 -5.67 17.57 18.53
CA TYR B 389 -6.54 16.57 17.95
C TYR B 389 -6.02 15.15 18.18
N TYR B 390 -4.69 15.05 18.26
CA TYR B 390 -4.00 13.78 18.47
C TYR B 390 -2.99 14.00 19.58
N PRO B 391 -3.51 14.26 20.80
CA PRO B 391 -2.67 14.77 21.87
C PRO B 391 -1.62 13.77 22.40
N HIS B 392 -1.82 12.47 22.16
CA HIS B 392 -0.91 11.43 22.64
C HIS B 392 0.06 10.94 21.56
N ALA B 393 0.02 11.56 20.39
CA ALA B 393 0.85 11.10 19.29
C ALA B 393 2.27 11.67 19.44
N ASP B 394 3.24 11.00 18.85
CA ASP B 394 4.59 11.54 18.74
C ASP B 394 4.55 12.47 17.51
N HIS B 395 4.26 13.74 17.76
CA HIS B 395 3.83 14.66 16.71
C HIS B 395 4.85 14.85 15.60
N ASP B 396 6.12 14.88 15.98
CA ASP B 396 7.17 15.14 15.03
C ASP B 396 7.36 13.98 14.09
N LYS B 397 6.77 12.83 14.39
CA LYS B 397 6.89 11.70 13.48
C LYS B 397 5.63 11.43 12.64
N LEU B 398 4.56 12.20 12.84
CA LEU B 398 3.29 12.02 12.09
C LEU B 398 3.48 12.37 10.63
N ASN B 399 2.88 11.57 9.74
CA ASN B 399 2.99 11.82 8.32
C ASN B 399 1.72 11.42 7.60
N TYR B 400 0.56 11.60 8.24
CA TYR B 400 -0.70 11.23 7.59
C TYR B 400 -1.87 12.12 7.97
N LEU B 401 -1.64 13.17 8.76
CA LEU B 401 -2.74 14.05 9.18
C LEU B 401 -3.20 14.98 8.03
N HIS B 402 -2.24 15.63 7.36
CA HIS B 402 -2.62 16.54 6.28
C HIS B 402 -2.78 15.74 5.00
N ALA B 403 -4.03 15.45 4.65
CA ALA B 403 -4.34 14.70 3.42
C ALA B 403 -3.99 15.57 2.20
N TYR B 404 -4.50 16.80 2.20
CA TYR B 404 -4.21 17.77 1.15
C TYR B 404 -4.59 19.14 1.60
N ILE B 405 -4.06 20.13 0.86
CA ILE B 405 -4.38 21.53 1.03
C ILE B 405 -4.93 22.02 -0.29
N SER B 406 -6.08 22.69 -0.28
CA SER B 406 -6.61 23.25 -1.52
C SER B 406 -6.43 24.76 -1.53
N PHE B 407 -6.35 25.31 -2.75
CA PHE B 407 -6.18 26.75 -2.89
C PHE B 407 -6.96 27.25 -4.11
N SER B 408 -7.71 28.33 -3.90
CA SER B 408 -8.29 29.14 -4.98
C SER B 408 -8.11 30.63 -4.63
N TYR B 409 -8.35 31.49 -5.61
CA TYR B 409 -8.22 32.92 -5.44
C TYR B 409 -9.29 33.57 -6.28
N ARG B 410 -10.10 34.40 -5.65
CA ARG B 410 -11.14 35.17 -6.36
C ARG B 410 -11.43 36.43 -5.58
N ASP B 411 -11.78 37.50 -6.31
CA ASP B 411 -12.14 38.78 -5.71
C ASP B 411 -11.13 39.19 -4.63
N ARG B 412 -9.86 39.17 -5.02
CA ARG B 412 -8.71 39.57 -4.19
C ARG B 412 -8.55 38.78 -2.89
N THR B 413 -9.12 37.57 -2.85
CA THR B 413 -9.18 36.80 -1.61
C THR B 413 -8.60 35.41 -1.86
N PRO B 414 -7.53 35.06 -1.12
CA PRO B 414 -6.95 33.72 -1.17
C PRO B 414 -7.78 32.79 -0.29
N TYR B 415 -8.25 31.69 -0.86
CA TYR B 415 -9.00 30.66 -0.12
C TYR B 415 -8.12 29.44 0.05
N LEU B 416 -7.69 29.20 1.28
CA LEU B 416 -6.87 28.03 1.60
C LEU B 416 -7.65 27.12 2.55
N SER B 417 -7.81 25.84 2.18
CA SER B 417 -8.47 24.87 3.05
C SER B 417 -7.53 23.68 3.35
N VAL B 418 -7.66 23.11 4.53
CA VAL B 418 -6.87 21.91 4.91
C VAL B 418 -7.85 20.78 5.10
N TYR B 419 -7.48 19.57 4.67
CA TYR B 419 -8.34 18.40 4.77
C TYR B 419 -7.56 17.42 5.65
N LEU B 420 -8.16 16.99 6.76
CA LEU B 420 -7.38 16.35 7.84
C LEU B 420 -7.88 15.00 8.23
N GLN B 421 -6.95 14.10 8.53
CA GLN B 421 -7.29 12.78 9.13
C GLN B 421 -8.23 13.05 10.31
N SER B 422 -9.36 12.37 10.34
CA SER B 422 -10.41 12.64 11.34
C SER B 422 -10.86 11.32 11.96
N PHE B 423 -10.02 10.75 12.83
CA PHE B 423 -10.26 9.38 13.28
C PHE B 423 -9.41 9.10 14.51
N GLU B 424 -10.06 8.63 15.58
CA GLU B 424 -9.38 8.25 16.83
C GLU B 424 -8.64 9.43 17.46
N THR B 425 -9.45 10.45 17.73
CA THR B 425 -8.94 11.76 18.16
C THR B 425 -9.05 11.89 19.66
N GLY B 426 -8.42 12.93 20.19
CA GLY B 426 -8.44 13.25 21.62
C GLY B 426 -7.97 12.06 22.45
N ASP B 427 -8.68 11.75 23.54
CA ASP B 427 -8.29 10.68 24.47
C ASP B 427 -8.64 9.27 24.02
N TRP B 428 -8.68 9.02 22.72
CA TRP B 428 -9.11 7.71 22.22
C TRP B 428 -8.29 6.53 22.81
N ALA B 429 -9.01 5.57 23.39
CA ALA B 429 -8.41 4.37 24.04
C ALA B 429 -7.42 4.70 25.16
#